data_2BWJ
#
_entry.id   2BWJ
#
_cell.length_a   180.375
_cell.length_b   180.375
_cell.length_c   121.701
_cell.angle_alpha   90.00
_cell.angle_beta   90.00
_cell.angle_gamma   120.00
#
_symmetry.space_group_name_H-M   'P 61'
#
loop_
_entity.id
_entity.type
_entity.pdbx_description
1 polymer 'ADENYLATE KINASE 5'
2 non-polymer 'SULFATE ION'
3 non-polymer 'CHLORIDE ION'
4 non-polymer 'ADENOSINE MONOPHOSPHATE'
5 water water
#
_entity_poly.entity_id   1
_entity_poly.type   'polypeptide(L)'
_entity_poly.pdbx_seq_one_letter_code
;SMGGFMEDLRKCKIIFIIGGPGSGKGTQCEKLVEKYGFTHLSTGELLREELASESERSKLIRDIMERGDLVPSGIVLELL
KEAMVASLGDTRGFLIDGYPREVKQGEEFGRRIGDPQLVICMDCSADTMTNRLLQMSRSSLPVDDTTKTIAKRLEAYYRA
SIPVIAYYETKTQLHKINAEGTPEDVFLQLCTAIDSIFL
;
_entity_poly.pdbx_strand_id   A,B,C,D,E,F
#
# COMPACT_ATOMS: atom_id res chain seq x y z
N GLY A 4 -6.76 -12.74 -42.70
CA GLY A 4 -5.88 -11.64 -43.20
C GLY A 4 -5.05 -11.09 -42.04
N PHE A 5 -5.66 -10.20 -41.25
CA PHE A 5 -5.11 -9.81 -39.94
C PHE A 5 -5.10 -11.01 -38.99
N MET A 6 -6.19 -11.79 -39.02
CA MET A 6 -6.36 -12.99 -38.17
C MET A 6 -5.12 -13.92 -38.29
N GLU A 7 -4.85 -14.42 -39.49
CA GLU A 7 -3.70 -15.28 -39.72
C GLU A 7 -2.39 -14.50 -39.56
N ASP A 8 -2.40 -13.19 -39.83
CA ASP A 8 -1.20 -12.35 -39.63
C ASP A 8 -0.86 -12.26 -38.14
N LEU A 9 -1.87 -11.93 -37.33
CA LEU A 9 -1.73 -11.83 -35.89
C LEU A 9 -1.30 -13.14 -35.26
N ARG A 10 -1.81 -14.26 -35.79
CA ARG A 10 -1.50 -15.57 -35.26
C ARG A 10 -0.04 -16.00 -35.55
N LYS A 11 0.55 -15.45 -36.60
CA LYS A 11 1.89 -15.83 -37.01
C LYS A 11 2.97 -14.79 -36.68
N CYS A 12 2.63 -13.69 -36.01
CA CYS A 12 3.63 -12.67 -35.68
C CYS A 12 4.39 -13.00 -34.37
N LYS A 13 5.51 -12.33 -34.12
CA LYS A 13 6.28 -12.57 -32.88
C LYS A 13 5.56 -11.94 -31.71
N ILE A 14 5.27 -12.77 -30.71
CA ILE A 14 4.62 -12.37 -29.49
C ILE A 14 5.44 -12.85 -28.29
N ILE A 15 5.92 -11.87 -27.53
CA ILE A 15 6.70 -12.12 -26.34
C ILE A 15 5.96 -11.48 -25.16
N PHE A 16 5.75 -12.25 -24.11
CA PHE A 16 5.20 -11.68 -22.88
C PHE A 16 6.38 -11.49 -21.92
N ILE A 17 6.41 -10.37 -21.23
CA ILE A 17 7.47 -10.12 -20.27
C ILE A 17 6.82 -9.73 -18.93
N ILE A 18 7.18 -10.50 -17.91
CA ILE A 18 6.61 -10.43 -16.58
C ILE A 18 7.72 -10.21 -15.53
N GLY A 19 7.48 -9.31 -14.59
CA GLY A 19 8.52 -8.92 -13.66
C GLY A 19 7.90 -8.05 -12.59
N GLY A 20 8.41 -8.14 -11.39
CA GLY A 20 7.90 -7.38 -10.27
C GLY A 20 8.37 -5.95 -10.27
N PRO A 21 7.69 -5.08 -9.48
CA PRO A 21 8.15 -3.69 -9.41
C PRO A 21 9.57 -3.62 -8.81
N GLY A 22 10.45 -2.87 -9.44
CA GLY A 22 11.84 -2.86 -9.04
C GLY A 22 12.72 -3.88 -9.76
N SER A 23 12.15 -4.71 -10.62
CA SER A 23 12.91 -5.76 -11.31
C SER A 23 13.74 -5.18 -12.46
N GLY A 24 13.31 -4.02 -12.97
CA GLY A 24 13.99 -3.34 -14.03
C GLY A 24 13.30 -3.55 -15.36
N LYS A 25 12.08 -4.05 -15.30
CA LYS A 25 11.38 -4.48 -16.49
C LYS A 25 11.16 -3.32 -17.46
N GLY A 26 10.72 -2.18 -16.94
CA GLY A 26 10.41 -1.02 -17.76
C GLY A 26 11.58 -0.55 -18.61
N THR A 27 12.73 -0.39 -17.99
CA THR A 27 13.88 0.11 -18.72
C THR A 27 14.43 -0.94 -19.71
N GLN A 28 14.30 -2.22 -19.36
CA GLN A 28 14.69 -3.28 -20.28
C GLN A 28 13.84 -3.32 -21.55
N CYS A 29 12.56 -3.01 -21.41
CA CYS A 29 11.63 -3.01 -22.53
C CYS A 29 11.95 -1.92 -23.56
N GLU A 30 12.35 -0.75 -23.07
CA GLU A 30 12.75 0.39 -23.92
C GLU A 30 13.98 0.05 -24.76
N LYS A 31 14.92 -0.67 -24.16
CA LYS A 31 16.11 -1.15 -24.85
C LYS A 31 15.84 -2.26 -25.85
N LEU A 32 15.00 -3.21 -25.46
CA LEU A 32 14.54 -4.24 -26.38
C LEU A 32 13.81 -3.67 -27.62
N VAL A 33 12.97 -2.68 -27.42
CA VAL A 33 12.27 -2.03 -28.52
C VAL A 33 13.25 -1.45 -29.51
N GLU A 34 14.18 -0.68 -28.96
CA GLU A 34 15.19 -0.02 -29.73
C GLU A 34 16.08 -0.98 -30.53
N LYS A 35 16.47 -2.10 -29.93
CA LYS A 35 17.39 -3.06 -30.55
C LYS A 35 16.72 -3.93 -31.60
N TYR A 36 15.55 -4.45 -31.24
CA TYR A 36 14.82 -5.44 -32.05
C TYR A 36 13.76 -4.85 -32.98
N GLY A 37 13.42 -3.59 -32.78
CA GLY A 37 12.29 -2.98 -33.49
C GLY A 37 10.96 -3.66 -33.14
N PHE A 38 10.78 -4.03 -31.87
CA PHE A 38 9.51 -4.56 -31.43
C PHE A 38 8.60 -3.39 -31.03
N THR A 39 7.32 -3.66 -31.03
CA THR A 39 6.33 -2.75 -30.48
C THR A 39 6.08 -3.16 -29.02
N HIS A 40 6.35 -2.25 -28.09
CA HIS A 40 6.06 -2.46 -26.66
C HIS A 40 4.61 -2.07 -26.28
N LEU A 41 3.81 -3.04 -25.83
CA LEU A 41 2.43 -2.82 -25.43
C LEU A 41 2.24 -3.16 -23.95
N SER A 42 1.57 -2.30 -23.21
CA SER A 42 1.16 -2.64 -21.85
C SER A 42 -0.25 -2.15 -21.60
N THR A 43 -0.92 -2.82 -20.68
CA THR A 43 -2.27 -2.47 -20.30
C THR A 43 -2.35 -1.01 -19.81
N GLY A 44 -1.44 -0.62 -18.95
CA GLY A 44 -1.42 0.74 -18.42
C GLY A 44 -1.38 1.75 -19.55
N GLU A 45 -0.47 1.55 -20.47
CA GLU A 45 -0.30 2.50 -21.55
C GLU A 45 -1.51 2.50 -22.51
N LEU A 46 -2.03 1.32 -22.83
CA LEU A 46 -3.24 1.19 -23.66
C LEU A 46 -4.45 1.89 -23.05
N LEU A 47 -4.62 1.73 -21.74
CA LEU A 47 -5.69 2.38 -21.00
C LEU A 47 -5.50 3.90 -21.02
N ARG A 48 -4.31 4.35 -20.66
CA ARG A 48 -3.98 5.78 -20.72
C ARG A 48 -4.33 6.37 -22.09
N GLU A 49 -3.92 5.68 -23.16
CA GLU A 49 -4.15 6.14 -24.53
C GLU A 49 -5.61 6.21 -24.96
N GLU A 50 -6.37 5.18 -24.62
CA GLU A 50 -7.81 5.16 -24.86
C GLU A 50 -8.51 6.35 -24.17
N LEU A 51 -8.13 6.56 -22.92
CA LEU A 51 -8.70 7.64 -22.12
C LEU A 51 -8.41 9.02 -22.72
N ALA A 52 -7.16 9.23 -23.14
CA ALA A 52 -6.72 10.47 -23.78
C ALA A 52 -7.42 10.74 -25.13
N SER A 53 -7.85 9.66 -25.80
CA SER A 53 -8.52 9.75 -27.09
C SER A 53 -9.83 10.49 -26.97
N GLU A 54 -10.44 10.49 -25.78
CA GLU A 54 -11.76 11.13 -25.58
C GLU A 54 -12.90 10.50 -26.42
N SER A 55 -12.66 9.32 -27.00
CA SER A 55 -13.70 8.60 -27.73
C SER A 55 -14.88 8.33 -26.80
N GLU A 56 -16.05 8.10 -27.37
CA GLU A 56 -17.23 7.75 -26.59
C GLU A 56 -17.05 6.43 -25.89
N ARG A 57 -16.38 5.50 -26.58
CA ARG A 57 -16.04 4.19 -26.03
C ARG A 57 -15.18 4.34 -24.78
N SER A 58 -14.22 5.27 -24.81
CA SER A 58 -13.33 5.56 -23.67
C SER A 58 -14.08 5.94 -22.39
N LYS A 59 -15.28 6.52 -22.51
CA LYS A 59 -16.01 7.02 -21.33
C LYS A 59 -16.50 5.89 -20.41
N LEU A 60 -16.73 4.72 -20.99
CA LEU A 60 -17.09 3.54 -20.22
C LEU A 60 -15.93 3.12 -19.29
N ILE A 61 -14.71 3.13 -19.81
CA ILE A 61 -13.52 2.86 -19.03
C ILE A 61 -13.29 3.95 -17.97
N ARG A 62 -13.51 5.21 -18.35
CA ARG A 62 -13.41 6.29 -17.39
C ARG A 62 -14.40 6.09 -16.21
N ASP A 63 -15.64 5.71 -16.50
CA ASP A 63 -16.60 5.40 -15.43
C ASP A 63 -16.10 4.32 -14.47
N ILE A 64 -15.55 3.25 -15.05
CA ILE A 64 -15.03 2.12 -14.28
C ILE A 64 -13.86 2.54 -13.40
N MET A 65 -12.91 3.21 -14.00
CA MET A 65 -11.70 3.57 -13.30
C MET A 65 -11.86 4.65 -12.24
N GLU A 66 -12.85 5.50 -12.41
CA GLU A 66 -13.19 6.49 -11.39
C GLU A 66 -13.79 5.87 -10.10
N ARG A 67 -14.35 4.68 -10.20
CA ARG A 67 -14.80 3.96 -9.03
C ARG A 67 -13.68 3.07 -8.51
N GLY A 68 -12.56 2.99 -9.22
CA GLY A 68 -11.52 2.05 -8.86
C GLY A 68 -11.92 0.63 -9.16
N ASP A 69 -12.93 0.48 -10.03
CA ASP A 69 -13.46 -0.82 -10.38
C ASP A 69 -12.52 -1.50 -11.40
N LEU A 70 -12.74 -2.79 -11.57
CA LEU A 70 -11.97 -3.62 -12.46
C LEU A 70 -12.37 -3.34 -13.91
N VAL A 71 -11.38 -3.20 -14.79
CA VAL A 71 -11.67 -3.07 -16.21
C VAL A 71 -11.81 -4.47 -16.77
N PRO A 72 -12.99 -4.81 -17.35
CA PRO A 72 -13.16 -6.14 -17.93
C PRO A 72 -12.08 -6.53 -18.92
N SER A 73 -11.75 -7.81 -18.95
CA SER A 73 -10.68 -8.33 -19.77
C SER A 73 -10.92 -8.13 -21.25
N GLY A 74 -12.19 -8.22 -21.65
CA GLY A 74 -12.58 -8.04 -23.05
C GLY A 74 -12.23 -6.66 -23.57
N ILE A 75 -12.32 -5.67 -22.69
CA ILE A 75 -12.04 -4.29 -23.08
C ILE A 75 -10.55 -4.15 -23.28
N VAL A 76 -9.77 -4.71 -22.36
CA VAL A 76 -8.32 -4.63 -22.50
C VAL A 76 -7.86 -5.37 -23.75
N LEU A 77 -8.41 -6.57 -23.96
CA LEU A 77 -8.06 -7.36 -25.12
C LEU A 77 -8.39 -6.64 -26.41
N GLU A 78 -9.54 -5.97 -26.44
CA GLU A 78 -9.96 -5.23 -27.62
C GLU A 78 -8.88 -4.20 -27.91
N LEU A 79 -8.48 -3.44 -26.90
CA LEU A 79 -7.48 -2.38 -27.08
C LEU A 79 -6.13 -2.93 -27.53
N LEU A 80 -5.76 -4.07 -26.99
CA LEU A 80 -4.54 -4.80 -27.36
C LEU A 80 -4.55 -5.22 -28.84
N LYS A 81 -5.64 -5.85 -29.25
CA LYS A 81 -5.80 -6.29 -30.62
C LYS A 81 -5.71 -5.13 -31.61
N GLU A 82 -6.32 -4.03 -31.25
CA GLU A 82 -6.28 -2.84 -32.07
C GLU A 82 -4.88 -2.24 -32.21
N ALA A 83 -4.13 -2.24 -31.11
CA ALA A 83 -2.76 -1.74 -31.11
C ALA A 83 -1.85 -2.60 -31.98
N MET A 84 -2.08 -3.90 -31.94
CA MET A 84 -1.33 -4.87 -32.70
C MET A 84 -1.67 -4.85 -34.17
N VAL A 85 -2.95 -4.70 -34.49
CA VAL A 85 -3.41 -4.55 -35.86
C VAL A 85 -2.83 -3.26 -36.46
N ALA A 86 -2.87 -2.16 -35.71
CA ALA A 86 -2.32 -0.88 -36.18
C ALA A 86 -0.80 -0.89 -36.39
N SER A 87 -0.07 -1.75 -35.70
CA SER A 87 1.40 -1.81 -35.82
C SER A 87 1.88 -2.87 -36.77
N LEU A 88 1.00 -3.80 -37.11
CA LEU A 88 1.34 -4.89 -38.01
C LEU A 88 1.85 -4.32 -39.33
N GLY A 89 2.98 -4.81 -39.81
CA GLY A 89 3.52 -4.32 -41.09
C GLY A 89 4.51 -3.19 -40.97
N ASP A 90 4.56 -2.53 -39.81
CA ASP A 90 5.68 -1.63 -39.51
C ASP A 90 6.25 -2.02 -38.15
N THR A 91 6.29 -3.32 -37.86
CA THR A 91 6.93 -3.81 -36.63
C THR A 91 7.53 -5.18 -36.84
N ARG A 92 8.54 -5.51 -36.05
CA ARG A 92 9.15 -6.84 -36.08
C ARG A 92 8.60 -7.82 -35.02
N GLY A 93 7.75 -7.35 -34.12
CA GLY A 93 7.23 -8.19 -33.07
C GLY A 93 6.63 -7.38 -31.95
N PHE A 94 5.93 -8.08 -31.08
CA PHE A 94 5.25 -7.45 -29.94
C PHE A 94 5.85 -7.89 -28.65
N LEU A 95 6.16 -6.90 -27.81
CA LEU A 95 6.59 -7.14 -26.45
C LEU A 95 5.44 -6.68 -25.53
N ILE A 96 4.74 -7.65 -24.96
CA ILE A 96 3.58 -7.37 -24.15
C ILE A 96 3.96 -7.47 -22.67
N ASP A 97 3.93 -6.32 -22.03
CA ASP A 97 4.61 -6.09 -20.77
C ASP A 97 3.56 -6.20 -19.68
N GLY A 98 3.88 -7.06 -18.71
CA GLY A 98 3.06 -7.30 -17.52
C GLY A 98 1.69 -7.87 -17.83
N TYR A 99 1.61 -8.69 -18.87
CA TYR A 99 0.35 -9.26 -19.33
C TYR A 99 0.54 -10.74 -19.70
N PRO A 100 -0.53 -11.57 -19.47
CA PRO A 100 -1.84 -11.27 -18.79
C PRO A 100 -1.74 -11.25 -17.24
N ARG A 101 -2.80 -10.85 -16.56
CA ARG A 101 -2.83 -10.76 -15.09
C ARG A 101 -3.48 -11.99 -14.43
N GLU A 102 -4.14 -12.81 -15.25
CA GLU A 102 -4.63 -14.11 -14.82
C GLU A 102 -4.67 -15.07 -16.01
N VAL A 103 -4.84 -16.35 -15.72
CA VAL A 103 -4.71 -17.41 -16.72
C VAL A 103 -5.79 -17.42 -17.79
N LYS A 104 -7.06 -17.32 -17.38
CA LYS A 104 -8.15 -17.27 -18.35
C LYS A 104 -7.99 -16.13 -19.37
N GLN A 105 -7.42 -15.01 -18.92
CA GLN A 105 -7.16 -13.86 -19.78
C GLN A 105 -6.06 -14.21 -20.81
N GLY A 106 -5.04 -14.96 -20.37
CA GLY A 106 -4.04 -15.52 -21.28
C GLY A 106 -4.57 -16.54 -22.27
N GLU A 107 -5.46 -17.42 -21.80
CA GLU A 107 -6.13 -18.37 -22.70
C GLU A 107 -6.95 -17.66 -23.76
N GLU A 108 -7.68 -16.63 -23.35
CA GLU A 108 -8.47 -15.79 -24.24
C GLU A 108 -7.60 -15.09 -25.28
N PHE A 109 -6.49 -14.52 -24.87
CA PHE A 109 -5.54 -13.91 -25.80
C PHE A 109 -5.09 -14.92 -26.87
N GLY A 110 -4.84 -16.14 -26.43
CA GLY A 110 -4.33 -17.20 -27.27
C GLY A 110 -5.31 -17.61 -28.33
N ARG A 111 -6.59 -17.66 -27.95
CA ARG A 111 -7.65 -18.01 -28.86
C ARG A 111 -7.97 -16.86 -29.82
N ARG A 112 -8.00 -15.64 -29.28
CA ARG A 112 -8.47 -14.49 -30.05
C ARG A 112 -7.38 -13.79 -30.86
N ILE A 113 -6.12 -13.94 -30.49
CA ILE A 113 -5.06 -13.18 -31.14
C ILE A 113 -3.94 -14.13 -31.56
N GLY A 114 -3.25 -14.71 -30.58
CA GLY A 114 -2.21 -15.65 -30.87
C GLY A 114 -1.48 -16.14 -29.63
N ASP A 115 -0.68 -17.17 -29.83
CA ASP A 115 0.10 -17.78 -28.77
C ASP A 115 1.49 -17.15 -28.68
N PRO A 116 1.90 -16.68 -27.49
CA PRO A 116 3.27 -16.15 -27.36
C PRO A 116 4.32 -17.25 -27.60
N GLN A 117 5.35 -16.95 -28.36
CA GLN A 117 6.43 -17.94 -28.55
C GLN A 117 7.44 -17.95 -27.39
N LEU A 118 7.43 -16.90 -26.58
CA LEU A 118 8.35 -16.72 -25.49
C LEU A 118 7.67 -15.92 -24.37
N VAL A 119 7.75 -16.45 -23.15
CA VAL A 119 7.45 -15.70 -21.94
C VAL A 119 8.74 -15.50 -21.13
N ILE A 120 9.09 -14.25 -20.91
CA ILE A 120 10.23 -13.90 -20.12
C ILE A 120 9.76 -13.51 -18.72
N CYS A 121 10.36 -14.12 -17.72
CA CYS A 121 10.14 -13.77 -16.32
C CYS A 121 11.41 -13.20 -15.72
N MET A 122 11.32 -11.96 -15.27
CA MET A 122 12.42 -11.32 -14.62
C MET A 122 12.39 -11.57 -13.13
N ASP A 123 13.19 -12.56 -12.73
CA ASP A 123 13.26 -13.08 -11.38
C ASP A 123 14.09 -12.12 -10.56
N CYS A 124 13.56 -11.76 -9.41
CA CYS A 124 14.24 -10.90 -8.51
C CYS A 124 13.74 -11.25 -7.11
N SER A 125 14.59 -11.22 -6.10
CA SER A 125 14.17 -11.48 -4.72
C SER A 125 13.34 -10.33 -4.16
N ALA A 126 12.54 -10.65 -3.16
CA ALA A 126 11.72 -9.67 -2.49
C ALA A 126 12.61 -8.63 -1.82
N ASP A 127 13.70 -9.09 -1.20
CA ASP A 127 14.65 -8.19 -0.56
C ASP A 127 15.25 -7.17 -1.55
N THR A 128 15.60 -7.65 -2.75
CA THR A 128 16.21 -6.79 -3.75
C THR A 128 15.20 -5.83 -4.37
N MET A 129 14.00 -6.32 -4.68
CA MET A 129 12.94 -5.43 -5.15
C MET A 129 12.60 -4.35 -4.12
N THR A 130 12.43 -4.76 -2.87
CA THR A 130 12.20 -3.84 -1.75
C THR A 130 13.26 -2.75 -1.65
N ASN A 131 14.52 -3.14 -1.65
CA ASN A 131 15.62 -2.18 -1.57
C ASN A 131 15.68 -1.21 -2.75
N ARG A 132 15.50 -1.71 -3.97
CA ARG A 132 15.41 -0.84 -5.15
C ARG A 132 14.28 0.16 -5.11
N LEU A 133 13.11 -0.31 -4.73
CA LEU A 133 11.95 0.53 -4.59
C LEU A 133 12.15 1.57 -3.47
N LEU A 134 12.81 1.22 -2.38
CA LEU A 134 13.21 2.26 -1.42
C LEU A 134 14.17 3.30 -1.98
N GLN A 135 15.09 2.86 -2.83
CA GLN A 135 15.99 3.79 -3.48
C GLN A 135 15.29 4.76 -4.43
N MET A 136 14.15 4.34 -4.96
CA MET A 136 13.34 5.16 -5.85
C MET A 136 12.18 5.82 -5.12
N SER A 137 12.10 5.66 -3.81
CA SER A 137 11.00 6.21 -3.05
C SER A 137 11.05 7.74 -2.94
N ARG A 138 9.85 8.32 -2.95
CA ARG A 138 9.62 9.73 -2.60
C ARG A 138 8.66 9.83 -1.38
N SER A 139 8.63 8.77 -0.59
CA SER A 139 7.87 8.70 0.63
C SER A 139 8.34 9.75 1.65
N SER A 140 7.36 10.44 2.20
CA SER A 140 7.49 11.36 3.32
C SER A 140 7.08 10.69 4.63
N LEU A 141 6.95 9.37 4.61
CA LEU A 141 6.54 8.59 5.76
C LEU A 141 7.76 7.80 6.22
N PRO A 142 7.80 7.36 7.51
CA PRO A 142 8.93 6.58 8.01
C PRO A 142 9.21 5.31 7.19
N VAL A 143 10.43 4.80 7.26
CA VAL A 143 10.78 3.65 6.45
C VAL A 143 9.92 2.41 6.76
N ASP A 144 9.49 2.25 8.00
CA ASP A 144 8.63 1.11 8.37
C ASP A 144 7.28 1.14 7.65
N ASP A 145 6.62 2.30 7.65
CA ASP A 145 5.34 2.48 6.98
C ASP A 145 5.55 2.35 5.48
N THR A 146 6.60 2.99 4.99
CA THR A 146 6.96 2.98 3.59
C THR A 146 7.21 1.55 3.09
N THR A 147 7.95 0.78 3.87
CA THR A 147 8.26 -0.60 3.50
C THR A 147 7.05 -1.54 3.55
N LYS A 148 6.14 -1.30 4.48
CA LYS A 148 4.88 -2.05 4.53
C LYS A 148 4.04 -1.89 3.26
N THR A 149 4.04 -0.69 2.71
CA THR A 149 3.34 -0.41 1.47
C THR A 149 4.05 -1.07 0.30
N ILE A 150 5.38 -1.08 0.32
CA ILE A 150 6.16 -1.77 -0.70
C ILE A 150 5.88 -3.28 -0.63
N ALA A 151 5.83 -3.83 0.56
CA ALA A 151 5.46 -5.24 0.75
C ALA A 151 4.10 -5.58 0.10
N LYS A 152 3.14 -4.67 0.23
CA LYS A 152 1.85 -4.83 -0.45
C LYS A 152 1.93 -4.81 -1.99
N ARG A 153 2.78 -3.96 -2.52
CA ARG A 153 3.08 -3.95 -3.94
C ARG A 153 3.65 -5.28 -4.45
N LEU A 154 4.51 -5.89 -3.67
CA LEU A 154 5.06 -7.21 -4.04
C LEU A 154 4.01 -8.32 -3.91
N GLU A 155 3.22 -8.27 -2.85
CA GLU A 155 2.10 -9.19 -2.68
C GLU A 155 1.21 -9.18 -3.88
N ALA A 156 0.91 -7.98 -4.40
CA ALA A 156 0.02 -7.86 -5.54
C ALA A 156 0.65 -8.44 -6.78
N TYR A 157 1.94 -8.23 -6.93
CA TYR A 157 2.69 -8.85 -8.01
C TYR A 157 2.69 -10.38 -7.93
N TYR A 158 2.94 -10.94 -6.77
CA TYR A 158 2.98 -12.39 -6.64
C TYR A 158 1.62 -13.02 -6.95
N ARG A 159 0.56 -12.36 -6.52
CA ARG A 159 -0.78 -12.82 -6.82
C ARG A 159 -1.04 -12.87 -8.31
N ALA A 160 -0.63 -11.83 -9.01
CA ALA A 160 -0.87 -11.74 -10.44
C ALA A 160 0.01 -12.70 -11.25
N SER A 161 1.20 -12.99 -10.75
CA SER A 161 2.25 -13.58 -11.56
C SER A 161 2.36 -15.09 -11.43
N ILE A 162 2.22 -15.58 -10.20
CA ILE A 162 2.48 -17.00 -9.93
C ILE A 162 1.63 -17.96 -10.78
N PRO A 163 0.30 -17.77 -10.82
CA PRO A 163 -0.53 -18.67 -11.62
C PRO A 163 -0.20 -18.62 -13.10
N VAL A 164 0.08 -17.42 -13.57
CA VAL A 164 0.38 -17.14 -14.94
C VAL A 164 1.68 -17.77 -15.40
N ILE A 165 2.73 -17.56 -14.61
CA ILE A 165 4.02 -18.19 -14.88
C ILE A 165 3.93 -19.70 -14.90
N ALA A 166 3.24 -20.28 -13.91
CA ALA A 166 3.05 -21.71 -13.82
C ALA A 166 2.33 -22.23 -15.05
N TYR A 167 1.30 -21.52 -15.50
CA TYR A 167 0.58 -21.90 -16.71
C TYR A 167 1.47 -21.89 -17.98
N TYR A 168 2.16 -20.80 -18.25
CA TYR A 168 2.96 -20.70 -19.48
C TYR A 168 4.18 -21.59 -19.50
N GLU A 169 4.63 -22.02 -18.33
CA GLU A 169 5.61 -23.12 -18.24
C GLU A 169 5.16 -24.38 -18.94
N THR A 170 3.87 -24.68 -18.86
CA THR A 170 3.31 -25.88 -19.49
C THR A 170 3.06 -25.67 -20.99
N LYS A 171 2.95 -24.42 -21.43
CA LYS A 171 2.40 -24.13 -22.74
C LYS A 171 3.40 -23.64 -23.77
N THR A 172 4.43 -22.93 -23.36
CA THR A 172 5.36 -22.36 -24.34
C THR A 172 6.77 -22.36 -23.76
N GLN A 173 7.67 -21.63 -24.40
CA GLN A 173 9.02 -21.42 -23.87
C GLN A 173 8.97 -20.28 -22.87
N LEU A 174 9.37 -20.57 -21.64
CA LEU A 174 9.44 -19.60 -20.56
C LEU A 174 10.89 -19.54 -20.06
N HIS A 175 11.49 -18.35 -20.10
CA HIS A 175 12.87 -18.15 -19.67
C HIS A 175 12.84 -17.26 -18.45
N LYS A 176 13.39 -17.77 -17.35
CA LYS A 176 13.54 -16.99 -16.14
C LYS A 176 14.90 -16.31 -16.19
N ILE A 177 14.88 -14.98 -16.19
CA ILE A 177 16.07 -14.16 -16.20
C ILE A 177 16.35 -13.68 -14.78
N ASN A 178 17.60 -13.81 -14.37
CA ASN A 178 18.05 -13.30 -13.11
C ASN A 178 18.21 -11.78 -13.20
N ALA A 179 17.24 -11.07 -12.62
CA ALA A 179 17.22 -9.63 -12.71
C ALA A 179 17.90 -9.01 -11.49
N GLU A 180 18.66 -9.82 -10.74
CA GLU A 180 19.44 -9.30 -9.61
C GLU A 180 20.75 -8.67 -10.08
N GLY A 181 21.14 -8.94 -11.34
CA GLY A 181 22.42 -8.47 -11.90
C GLY A 181 22.34 -7.01 -12.32
N THR A 182 23.41 -6.55 -12.93
CA THR A 182 23.45 -5.19 -13.45
C THR A 182 22.42 -5.09 -14.57
N PRO A 183 21.91 -3.88 -14.85
CA PRO A 183 20.99 -3.77 -15.97
C PRO A 183 21.59 -4.24 -17.30
N GLU A 184 22.89 -4.06 -17.47
CA GLU A 184 23.55 -4.43 -18.72
C GLU A 184 23.67 -5.95 -18.84
N ASP A 185 23.92 -6.65 -17.71
CA ASP A 185 23.85 -8.12 -17.71
C ASP A 185 22.45 -8.67 -17.92
N VAL A 186 21.45 -8.02 -17.33
CA VAL A 186 20.07 -8.41 -17.54
C VAL A 186 19.73 -8.26 -19.04
N PHE A 187 20.15 -7.17 -19.66
CA PHE A 187 19.90 -6.97 -21.10
C PHE A 187 20.53 -8.09 -21.93
N LEU A 188 21.76 -8.44 -21.59
CA LEU A 188 22.50 -9.48 -22.28
C LEU A 188 21.71 -10.79 -22.27
N GLN A 189 21.22 -11.19 -21.09
CA GLN A 189 20.42 -12.42 -20.91
C GLN A 189 19.08 -12.37 -21.64
N LEU A 190 18.43 -11.21 -21.63
CA LEU A 190 17.20 -11.03 -22.36
C LEU A 190 17.40 -11.27 -23.87
N CYS A 191 18.46 -10.67 -24.42
CA CYS A 191 18.80 -10.80 -25.83
C CYS A 191 19.17 -12.22 -26.20
N THR A 192 19.90 -12.88 -25.33
CA THR A 192 20.17 -14.31 -25.48
C THR A 192 18.88 -15.16 -25.59
N ALA A 193 17.94 -14.91 -24.68
CA ALA A 193 16.66 -15.61 -24.66
C ALA A 193 15.91 -15.42 -25.96
N ILE A 194 15.77 -14.16 -26.36
CA ILE A 194 15.01 -13.79 -27.56
C ILE A 194 15.64 -14.32 -28.85
N ASP A 195 16.97 -14.21 -28.97
CA ASP A 195 17.71 -14.74 -30.11
C ASP A 195 17.59 -16.25 -30.20
N SER A 196 17.48 -16.93 -29.06
CA SER A 196 17.38 -18.38 -29.06
C SER A 196 16.03 -18.84 -29.61
N ILE A 197 15.01 -18.00 -29.48
CA ILE A 197 13.68 -18.35 -29.93
C ILE A 197 13.45 -17.96 -31.39
N PHE A 198 13.87 -16.76 -31.75
CA PHE A 198 13.56 -16.27 -33.10
C PHE A 198 14.67 -16.62 -34.04
N LEU A 199 14.75 -17.96 -34.20
CA LEU A 199 15.73 -18.80 -34.92
C LEU A 199 16.71 -19.55 -34.01
N PHE B 5 -11.83 12.34 15.98
CA PHE B 5 -12.39 12.44 14.59
C PHE B 5 -13.40 11.32 14.33
N MET B 6 -13.07 10.12 14.82
CA MET B 6 -14.02 9.00 14.83
C MET B 6 -15.45 9.43 15.20
N GLU B 7 -15.57 10.10 16.35
CA GLU B 7 -16.86 10.50 16.93
C GLU B 7 -17.38 11.77 16.27
N ASP B 8 -16.47 12.63 15.85
CA ASP B 8 -16.80 13.86 15.11
C ASP B 8 -17.33 13.57 13.71
N LEU B 9 -16.61 12.71 12.97
CA LEU B 9 -16.96 12.30 11.58
C LEU B 9 -18.27 11.56 11.51
N ARG B 10 -18.55 10.81 12.58
CA ARG B 10 -19.74 10.00 12.67
C ARG B 10 -20.96 10.89 12.90
N LYS B 11 -20.85 11.83 13.84
CA LYS B 11 -21.94 12.71 14.23
C LYS B 11 -21.95 13.98 13.38
N CYS B 12 -21.99 13.80 12.05
CA CYS B 12 -21.84 14.88 11.08
C CYS B 12 -22.58 14.58 9.73
N LYS B 13 -22.94 15.62 8.96
CA LYS B 13 -23.76 15.46 7.73
C LYS B 13 -23.03 14.75 6.56
N ILE B 14 -23.52 13.55 6.20
CA ILE B 14 -23.00 12.76 5.08
C ILE B 14 -24.14 12.40 4.12
N ILE B 15 -24.00 12.85 2.87
CA ILE B 15 -24.95 12.54 1.80
C ILE B 15 -24.22 11.84 0.64
N PHE B 16 -24.71 10.66 0.25
CA PHE B 16 -24.28 10.03 -0.99
C PHE B 16 -25.24 10.44 -2.10
N ILE B 17 -24.68 10.70 -3.26
CA ILE B 17 -25.47 10.98 -4.44
C ILE B 17 -24.99 10.12 -5.61
N ILE B 18 -25.94 9.40 -6.20
CA ILE B 18 -25.67 8.52 -7.31
C ILE B 18 -26.60 8.81 -8.49
N GLY B 19 -26.10 8.48 -9.66
CA GLY B 19 -26.84 8.75 -10.86
C GLY B 19 -25.98 8.33 -12.02
N GLY B 20 -26.59 7.93 -13.11
CA GLY B 20 -25.84 7.46 -14.27
C GLY B 20 -25.27 8.61 -15.08
N PRO B 21 -24.47 8.25 -16.09
CA PRO B 21 -23.94 9.29 -16.97
C PRO B 21 -25.12 9.90 -17.75
N GLY B 22 -25.15 11.21 -17.84
CA GLY B 22 -26.28 11.89 -18.46
C GLY B 22 -27.46 12.16 -17.52
N SER B 23 -27.33 11.85 -16.23
CA SER B 23 -28.41 12.12 -15.24
C SER B 23 -28.48 13.58 -14.75
N GLY B 24 -27.44 14.37 -15.05
CA GLY B 24 -27.35 15.75 -14.57
C GLY B 24 -26.70 15.88 -13.19
N LYS B 25 -26.14 14.80 -12.69
CA LYS B 25 -25.53 14.75 -11.37
C LYS B 25 -24.38 15.74 -11.16
N GLY B 26 -23.47 15.84 -12.13
CA GLY B 26 -22.34 16.76 -12.04
C GLY B 26 -22.76 18.19 -11.76
N THR B 27 -23.67 18.69 -12.59
CA THR B 27 -24.13 20.07 -12.47
C THR B 27 -24.91 20.30 -11.20
N GLN B 28 -25.73 19.32 -10.81
CA GLN B 28 -26.52 19.46 -9.59
C GLN B 28 -25.65 19.46 -8.33
N CYS B 29 -24.61 18.64 -8.30
CA CYS B 29 -23.62 18.72 -7.22
C CYS B 29 -23.02 20.12 -7.06
N GLU B 30 -22.61 20.74 -8.15
CA GLU B 30 -22.13 22.13 -8.08
C GLU B 30 -23.16 23.08 -7.48
N LYS B 31 -24.43 22.88 -7.83
CA LYS B 31 -25.48 23.78 -7.36
C LYS B 31 -25.68 23.60 -5.87
N LEU B 32 -25.58 22.36 -5.43
CA LEU B 32 -25.72 21.97 -4.04
C LEU B 32 -24.54 22.52 -3.24
N VAL B 33 -23.36 22.42 -3.81
CA VAL B 33 -22.17 22.99 -3.16
C VAL B 33 -22.36 24.50 -2.99
N GLU B 34 -22.80 25.15 -4.06
CA GLU B 34 -23.04 26.57 -4.02
C GLU B 34 -24.10 26.93 -2.98
N LYS B 35 -25.20 26.19 -2.91
CA LYS B 35 -26.25 26.49 -1.95
C LYS B 35 -25.89 26.13 -0.51
N TYR B 36 -25.39 24.92 -0.30
CA TYR B 36 -25.26 24.39 1.05
C TYR B 36 -23.86 24.50 1.63
N GLY B 37 -22.87 24.73 0.79
CA GLY B 37 -21.48 24.80 1.23
C GLY B 37 -20.86 23.43 1.52
N PHE B 38 -21.43 22.36 1.00
CA PHE B 38 -20.90 21.03 1.25
C PHE B 38 -19.51 20.82 0.68
N THR B 39 -18.81 19.86 1.27
CA THR B 39 -17.56 19.38 0.72
C THR B 39 -17.89 18.26 -0.26
N HIS B 40 -17.59 18.52 -1.54
CA HIS B 40 -17.92 17.61 -2.63
C HIS B 40 -16.73 16.71 -2.86
N LEU B 41 -16.91 15.42 -2.56
CA LEU B 41 -15.89 14.42 -2.77
C LEU B 41 -16.35 13.33 -3.74
N SER B 42 -15.38 12.75 -4.44
CA SER B 42 -15.62 11.58 -5.29
C SER B 42 -14.37 10.73 -5.35
N THR B 43 -14.55 9.44 -5.57
CA THR B 43 -13.42 8.55 -5.56
C THR B 43 -12.45 8.86 -6.71
N GLY B 44 -13.00 9.29 -7.84
CA GLY B 44 -12.19 9.56 -9.02
C GLY B 44 -11.24 10.72 -8.82
N GLU B 45 -11.75 11.75 -8.16
CA GLU B 45 -10.93 12.90 -7.82
C GLU B 45 -9.91 12.58 -6.72
N LEU B 46 -10.31 11.72 -5.79
CA LEU B 46 -9.44 11.31 -4.69
C LEU B 46 -8.31 10.42 -5.19
N LEU B 47 -8.65 9.54 -6.12
CA LEU B 47 -7.66 8.74 -6.82
C LEU B 47 -6.72 9.60 -7.66
N ARG B 48 -7.25 10.63 -8.28
CA ARG B 48 -6.43 11.45 -9.15
C ARG B 48 -5.42 12.22 -8.31
N GLU B 49 -5.88 12.78 -7.21
CA GLU B 49 -5.06 13.55 -6.28
C GLU B 49 -3.93 12.70 -5.64
N GLU B 50 -4.28 11.48 -5.26
CA GLU B 50 -3.36 10.53 -4.67
C GLU B 50 -2.31 10.14 -5.69
N LEU B 51 -2.73 9.86 -6.92
CA LEU B 51 -1.78 9.52 -7.99
C LEU B 51 -0.77 10.65 -8.26
N ALA B 52 -1.21 11.89 -8.10
CA ALA B 52 -0.35 13.05 -8.28
C ALA B 52 0.63 13.29 -7.14
N SER B 53 0.51 12.54 -6.04
CA SER B 53 1.26 12.79 -4.80
C SER B 53 2.65 12.11 -4.66
N GLU B 54 2.98 11.15 -5.52
CA GLU B 54 4.28 10.43 -5.37
C GLU B 54 4.49 9.56 -4.09
N SER B 55 3.46 9.43 -3.27
CA SER B 55 3.54 8.58 -2.09
C SER B 55 3.79 7.12 -2.51
N GLU B 56 4.32 6.32 -1.61
CA GLU B 56 4.44 4.91 -1.88
C GLU B 56 3.05 4.28 -2.15
N ARG B 57 2.02 4.75 -1.44
CA ARG B 57 0.69 4.26 -1.64
C ARG B 57 0.14 4.56 -3.05
N SER B 58 0.49 5.71 -3.62
CA SER B 58 0.05 6.04 -4.98
C SER B 58 0.69 5.11 -5.99
N LYS B 59 1.86 4.58 -5.65
CA LYS B 59 2.57 3.66 -6.52
C LYS B 59 1.94 2.27 -6.48
N LEU B 60 1.48 1.85 -5.32
CA LEU B 60 0.66 0.67 -5.20
C LEU B 60 -0.61 0.78 -6.03
N ILE B 61 -1.30 1.89 -5.91
CA ILE B 61 -2.54 2.09 -6.64
C ILE B 61 -2.25 2.08 -8.13
N ARG B 62 -1.14 2.68 -8.52
CA ARG B 62 -0.80 2.71 -9.94
C ARG B 62 -0.41 1.32 -10.45
N ASP B 63 0.31 0.54 -9.66
CA ASP B 63 0.60 -0.87 -10.04
C ASP B 63 -0.71 -1.58 -10.37
N ILE B 64 -1.71 -1.41 -9.51
CA ILE B 64 -3.04 -2.03 -9.63
C ILE B 64 -3.82 -1.52 -10.85
N MET B 65 -3.90 -0.20 -11.00
CA MET B 65 -4.67 0.40 -12.07
C MET B 65 -4.11 0.10 -13.44
N GLU B 66 -2.78 -0.02 -13.52
CA GLU B 66 -2.10 -0.36 -14.76
C GLU B 66 -2.34 -1.78 -15.25
N ARG B 67 -2.76 -2.65 -14.35
CA ARG B 67 -3.16 -3.99 -14.72
C ARG B 67 -4.65 -4.01 -15.03
N GLY B 68 -5.34 -2.89 -14.87
CA GLY B 68 -6.78 -2.84 -15.02
C GLY B 68 -7.48 -3.49 -13.83
N ASP B 69 -6.78 -3.60 -12.69
CA ASP B 69 -7.28 -4.37 -11.56
C ASP B 69 -8.07 -3.48 -10.63
N LEU B 70 -8.88 -4.12 -9.80
CA LEU B 70 -9.66 -3.44 -8.80
C LEU B 70 -8.77 -2.84 -7.74
N VAL B 71 -9.01 -1.57 -7.42
CA VAL B 71 -8.39 -0.92 -6.28
C VAL B 71 -9.16 -1.33 -5.03
N PRO B 72 -8.50 -2.00 -4.09
CA PRO B 72 -9.26 -2.44 -2.91
C PRO B 72 -10.07 -1.33 -2.20
N SER B 73 -11.24 -1.71 -1.71
CA SER B 73 -12.15 -0.84 -0.98
C SER B 73 -11.44 -0.09 0.15
N GLY B 74 -10.53 -0.78 0.84
CA GLY B 74 -9.83 -0.22 1.98
C GLY B 74 -8.93 0.95 1.62
N ILE B 75 -8.36 0.94 0.42
CA ILE B 75 -7.53 2.05 0.00
C ILE B 75 -8.41 3.24 -0.32
N VAL B 76 -9.44 3.00 -1.09
CA VAL B 76 -10.41 4.05 -1.40
C VAL B 76 -10.94 4.72 -0.11
N LEU B 77 -11.30 3.91 0.88
CA LEU B 77 -11.79 4.39 2.17
C LEU B 77 -10.79 5.20 2.97
N GLU B 78 -9.52 4.77 2.93
CA GLU B 78 -8.41 5.53 3.48
C GLU B 78 -8.34 6.94 2.86
N LEU B 79 -8.50 7.01 1.54
CA LEU B 79 -8.48 8.30 0.86
C LEU B 79 -9.67 9.19 1.23
N LEU B 80 -10.83 8.58 1.38
CA LEU B 80 -12.04 9.31 1.84
C LEU B 80 -11.90 9.83 3.25
N LYS B 81 -11.50 8.94 4.14
CA LYS B 81 -11.33 9.31 5.55
C LYS B 81 -10.36 10.49 5.65
N GLU B 82 -9.23 10.41 4.96
CA GLU B 82 -8.26 11.50 5.00
C GLU B 82 -8.82 12.84 4.49
N ALA B 83 -9.63 12.78 3.46
CA ALA B 83 -10.17 13.97 2.85
C ALA B 83 -11.20 14.56 3.79
N MET B 84 -11.97 13.67 4.41
CA MET B 84 -12.98 14.05 5.35
C MET B 84 -12.40 14.62 6.64
N VAL B 85 -11.38 13.94 7.15
CA VAL B 85 -10.64 14.44 8.30
C VAL B 85 -10.00 15.81 8.02
N ALA B 86 -9.42 15.98 6.83
CA ALA B 86 -8.82 17.26 6.46
C ALA B 86 -9.86 18.39 6.36
N SER B 87 -11.12 18.06 6.11
CA SER B 87 -12.14 19.10 5.92
C SER B 87 -12.98 19.40 7.14
N LEU B 88 -12.95 18.55 8.18
CA LEU B 88 -13.74 18.79 9.39
C LEU B 88 -13.47 20.17 10.02
N GLY B 89 -14.41 20.65 10.82
CA GLY B 89 -14.28 21.98 11.41
C GLY B 89 -14.83 23.00 10.44
N ASP B 90 -14.09 23.27 9.36
CA ASP B 90 -14.57 24.16 8.29
C ASP B 90 -15.43 23.41 7.24
N THR B 91 -16.46 22.68 7.70
CA THR B 91 -17.36 21.94 6.80
C THR B 91 -18.80 22.16 7.16
N ARG B 92 -19.64 22.27 6.14
CA ARG B 92 -21.08 22.27 6.35
C ARG B 92 -21.69 20.88 6.08
N GLY B 93 -20.84 19.91 5.71
CA GLY B 93 -21.30 18.57 5.41
C GLY B 93 -20.60 17.99 4.20
N PHE B 94 -20.77 16.68 4.00
CA PHE B 94 -20.05 15.95 2.97
C PHE B 94 -21.04 15.45 1.93
N LEU B 95 -20.74 15.76 0.67
CA LEU B 95 -21.51 15.28 -0.46
C LEU B 95 -20.60 14.31 -1.20
N ILE B 96 -20.88 13.03 -1.06
CA ILE B 96 -20.06 12.01 -1.68
C ILE B 96 -20.72 11.48 -2.95
N ASP B 97 -20.08 11.84 -4.04
CA ASP B 97 -20.64 11.77 -5.38
C ASP B 97 -20.18 10.48 -6.04
N GLY B 98 -21.13 9.64 -6.41
CA GLY B 98 -20.84 8.41 -7.17
C GLY B 98 -20.43 7.24 -6.30
N TYR B 99 -20.81 7.28 -5.03
CA TYR B 99 -20.32 6.34 -4.02
C TYR B 99 -21.51 5.77 -3.24
N PRO B 100 -21.44 4.47 -2.84
CA PRO B 100 -20.37 3.50 -3.14
C PRO B 100 -20.60 2.76 -4.47
N ARG B 101 -19.58 2.06 -4.94
CA ARG B 101 -19.66 1.25 -6.17
C ARG B 101 -20.35 -0.11 -5.95
N GLU B 102 -20.39 -0.54 -4.68
CA GLU B 102 -20.93 -1.84 -4.30
CA GLU B 102 -20.89 -1.88 -4.30
C GLU B 102 -21.39 -1.81 -2.85
N VAL B 103 -22.29 -2.73 -2.50
CA VAL B 103 -22.93 -2.75 -1.19
C VAL B 103 -21.92 -2.94 -0.07
N LYS B 104 -20.99 -3.86 -0.23
CA LYS B 104 -19.99 -4.14 0.80
C LYS B 104 -19.07 -2.97 1.10
N GLN B 105 -18.80 -2.13 0.10
CA GLN B 105 -18.00 -0.94 0.29
C GLN B 105 -18.81 0.07 1.11
N GLY B 106 -20.10 0.20 0.80
CA GLY B 106 -20.99 1.04 1.57
C GLY B 106 -21.12 0.61 3.03
N GLU B 107 -21.24 -0.70 3.25
CA GLU B 107 -21.31 -1.25 4.60
C GLU B 107 -20.06 -0.94 5.40
N GLU B 108 -18.89 -1.15 4.80
CA GLU B 108 -17.61 -0.83 5.43
C GLU B 108 -17.49 0.69 5.73
N PHE B 109 -17.97 1.52 4.83
CA PHE B 109 -18.03 2.97 5.09
C PHE B 109 -18.85 3.27 6.33
N GLY B 110 -20.01 2.64 6.39
CA GLY B 110 -20.90 2.78 7.52
C GLY B 110 -20.20 2.45 8.83
N ARG B 111 -19.62 1.27 8.92
CA ARG B 111 -18.85 0.84 10.10
C ARG B 111 -17.62 1.70 10.46
N ARG B 112 -16.82 2.13 9.47
CA ARG B 112 -15.52 2.74 9.77
C ARG B 112 -15.53 4.28 9.76
N ILE B 113 -16.59 4.88 9.21
CA ILE B 113 -16.65 6.34 9.12
C ILE B 113 -17.99 6.80 9.68
N GLY B 114 -19.08 6.43 9.03
CA GLY B 114 -20.39 6.86 9.48
C GLY B 114 -21.45 6.51 8.46
N ASP B 115 -22.67 6.39 8.94
CA ASP B 115 -23.79 6.11 8.05
C ASP B 115 -24.23 7.40 7.42
N PRO B 116 -24.45 7.39 6.10
CA PRO B 116 -25.00 8.57 5.48
C PRO B 116 -26.43 8.80 5.94
N GLN B 117 -26.78 10.05 6.18
CA GLN B 117 -28.15 10.39 6.56
C GLN B 117 -29.09 10.32 5.32
N LEU B 118 -28.53 10.47 4.13
CA LEU B 118 -29.31 10.49 2.91
C LEU B 118 -28.47 9.92 1.75
N VAL B 119 -29.06 9.00 0.99
CA VAL B 119 -28.54 8.56 -0.30
C VAL B 119 -29.50 9.06 -1.41
N ILE B 120 -29.04 10.05 -2.16
CA ILE B 120 -29.83 10.60 -3.27
C ILE B 120 -29.58 9.79 -4.52
N CYS B 121 -30.65 9.29 -5.11
CA CYS B 121 -30.57 8.61 -6.37
C CYS B 121 -31.15 9.47 -7.48
N MET B 122 -30.33 9.80 -8.45
CA MET B 122 -30.81 10.62 -9.56
C MET B 122 -31.36 9.75 -10.65
N ASP B 123 -32.68 9.63 -10.60
CA ASP B 123 -33.42 8.66 -11.36
C ASP B 123 -33.82 9.21 -12.73
N CYS B 124 -33.47 8.49 -13.77
CA CYS B 124 -33.54 9.03 -15.12
C CYS B 124 -33.65 7.88 -16.12
N SER B 125 -34.42 8.08 -17.17
CA SER B 125 -34.57 7.09 -18.22
C SER B 125 -33.31 7.00 -19.10
N ALA B 126 -33.12 5.82 -19.66
CA ALA B 126 -32.07 5.58 -20.64
C ALA B 126 -32.12 6.59 -21.82
N ASP B 127 -33.33 6.85 -22.33
CA ASP B 127 -33.55 7.71 -23.49
C ASP B 127 -33.05 9.13 -23.21
N THR B 128 -33.36 9.62 -22.03
CA THR B 128 -32.97 10.96 -21.63
C THR B 128 -31.47 11.05 -21.42
N MET B 129 -30.94 10.11 -20.65
CA MET B 129 -29.48 10.00 -20.50
C MET B 129 -28.78 9.94 -21.86
N THR B 130 -29.32 9.11 -22.76
CA THR B 130 -28.75 8.97 -24.10
C THR B 130 -28.81 10.28 -24.89
N ASN B 131 -29.96 10.98 -24.86
CA ASN B 131 -30.04 12.25 -25.57
C ASN B 131 -29.04 13.32 -25.07
N ARG B 132 -28.90 13.41 -23.76
CA ARG B 132 -27.96 14.37 -23.15
C ARG B 132 -26.53 14.04 -23.54
N LEU B 133 -26.21 12.76 -23.52
CA LEU B 133 -24.87 12.30 -23.92
C LEU B 133 -24.59 12.48 -25.40
N LEU B 134 -25.61 12.24 -26.25
CA LEU B 134 -25.49 12.50 -27.67
C LEU B 134 -25.24 13.98 -27.97
N GLN B 135 -25.95 14.86 -27.28
CA GLN B 135 -25.76 16.28 -27.46
C GLN B 135 -24.32 16.75 -27.15
N MET B 136 -23.74 16.18 -26.10
CA MET B 136 -22.38 16.49 -25.64
C MET B 136 -21.29 15.78 -26.45
N SER B 137 -21.70 14.75 -27.19
CA SER B 137 -20.76 13.93 -27.94
C SER B 137 -19.99 14.75 -28.98
N ARG B 138 -18.68 14.50 -29.05
CA ARG B 138 -17.82 15.14 -30.03
C ARG B 138 -17.52 14.23 -31.24
N SER B 139 -18.03 12.99 -31.25
CA SER B 139 -17.67 12.04 -32.32
C SER B 139 -18.35 12.50 -33.59
N SER B 140 -17.74 12.17 -34.71
CA SER B 140 -18.38 12.38 -35.99
C SER B 140 -18.69 11.02 -36.63
N LEU B 141 -18.75 9.96 -35.81
CA LEU B 141 -19.29 8.68 -36.27
C LEU B 141 -20.79 8.89 -36.54
N PRO B 142 -21.42 8.00 -37.32
CA PRO B 142 -22.90 7.99 -37.37
C PRO B 142 -23.54 7.92 -35.98
N VAL B 143 -24.67 8.60 -35.81
CA VAL B 143 -25.39 8.60 -34.52
C VAL B 143 -25.78 7.22 -34.03
N ASP B 144 -26.03 6.32 -34.97
CA ASP B 144 -26.38 4.95 -34.66
C ASP B 144 -25.26 4.30 -33.84
N ASP B 145 -24.02 4.51 -34.27
CA ASP B 145 -22.83 3.96 -33.63
C ASP B 145 -22.65 4.54 -32.23
N THR B 146 -22.69 5.86 -32.17
CA THR B 146 -22.49 6.60 -30.92
C THR B 146 -23.54 6.21 -29.87
N THR B 147 -24.76 5.98 -30.33
CA THR B 147 -25.87 5.56 -29.48
C THR B 147 -25.70 4.14 -28.93
N LYS B 148 -25.10 3.23 -29.72
CA LYS B 148 -24.81 1.87 -29.28
C LYS B 148 -23.73 1.88 -28.20
N THR B 149 -22.74 2.76 -28.40
CA THR B 149 -21.69 2.93 -27.43
C THR B 149 -22.28 3.47 -26.10
N ILE B 150 -23.10 4.52 -26.19
CA ILE B 150 -23.73 5.14 -25.01
C ILE B 150 -24.62 4.13 -24.27
N ALA B 151 -25.36 3.35 -25.05
CA ALA B 151 -26.16 2.26 -24.51
C ALA B 151 -25.35 1.30 -23.63
N LYS B 152 -24.17 0.90 -24.09
CA LYS B 152 -23.28 -0.01 -23.34
C LYS B 152 -22.84 0.61 -22.00
N ARG B 153 -22.52 1.90 -22.06
CA ARG B 153 -22.15 2.67 -20.89
C ARG B 153 -23.30 2.76 -19.84
N LEU B 154 -24.53 2.99 -20.30
CA LEU B 154 -25.71 3.04 -19.41
C LEU B 154 -25.97 1.68 -18.84
N GLU B 155 -25.82 0.66 -19.69
CA GLU B 155 -26.11 -0.70 -19.26
C GLU B 155 -25.20 -1.11 -18.11
N ALA B 156 -23.92 -0.76 -18.22
CA ALA B 156 -22.96 -1.04 -17.14
C ALA B 156 -23.18 -0.23 -15.89
N TYR B 157 -23.59 1.02 -16.04
CA TYR B 157 -24.00 1.80 -14.87
C TYR B 157 -25.17 1.10 -14.16
N TYR B 158 -26.17 0.72 -14.94
CA TYR B 158 -27.40 0.14 -14.40
CA TYR B 158 -27.41 0.14 -14.42
C TYR B 158 -27.08 -1.14 -13.63
N ARG B 159 -26.22 -1.98 -14.18
CA ARG B 159 -25.79 -3.20 -13.48
C ARG B 159 -24.99 -3.01 -12.16
N ALA B 160 -24.15 -1.98 -12.09
CA ALA B 160 -23.46 -1.64 -10.82
C ALA B 160 -24.37 -1.02 -9.75
N SER B 161 -25.28 -0.16 -10.19
CA SER B 161 -26.09 0.68 -9.28
C SER B 161 -27.24 -0.07 -8.62
N ILE B 162 -27.80 -1.04 -9.33
CA ILE B 162 -29.01 -1.76 -8.90
C ILE B 162 -28.93 -2.32 -7.47
N PRO B 163 -27.88 -3.12 -7.16
CA PRO B 163 -27.77 -3.66 -5.80
C PRO B 163 -27.53 -2.60 -4.73
N VAL B 164 -26.82 -1.55 -5.11
CA VAL B 164 -26.60 -0.42 -4.20
C VAL B 164 -27.91 0.26 -3.87
N ILE B 165 -28.67 0.59 -4.91
CA ILE B 165 -29.97 1.21 -4.74
C ILE B 165 -30.86 0.35 -3.85
N ALA B 166 -30.91 -0.95 -4.15
CA ALA B 166 -31.69 -1.92 -3.40
C ALA B 166 -31.32 -1.94 -1.91
N TYR B 167 -30.02 -1.84 -1.62
CA TYR B 167 -29.53 -1.89 -0.23
C TYR B 167 -30.06 -0.71 0.58
N TYR B 168 -29.91 0.48 0.01
CA TYR B 168 -30.33 1.71 0.66
C TYR B 168 -31.86 1.90 0.65
N GLU B 169 -32.54 1.36 -0.34
CA GLU B 169 -34.01 1.35 -0.34
C GLU B 169 -34.52 0.41 0.77
N THR B 170 -33.80 -0.69 0.96
CA THR B 170 -34.10 -1.66 2.03
C THR B 170 -33.80 -1.06 3.43
N LYS B 171 -32.80 -0.20 3.54
CA LYS B 171 -32.50 0.47 4.80
C LYS B 171 -33.33 1.75 4.96
N THR B 172 -34.09 2.10 3.93
CA THR B 172 -34.93 3.30 3.87
C THR B 172 -34.21 4.67 3.91
N GLN B 173 -32.94 4.72 3.56
CA GLN B 173 -32.20 5.98 3.47
C GLN B 173 -32.14 6.57 2.03
N LEU B 174 -32.80 5.91 1.07
CA LEU B 174 -32.75 6.36 -0.32
C LEU B 174 -33.90 7.31 -0.68
N HIS B 175 -33.55 8.44 -1.30
CA HIS B 175 -34.50 9.33 -1.94
C HIS B 175 -34.26 9.29 -3.44
N LYS B 176 -35.28 8.83 -4.15
CA LYS B 176 -35.25 8.81 -5.61
C LYS B 176 -35.71 10.18 -6.08
N ILE B 177 -34.93 10.78 -6.94
CA ILE B 177 -35.26 12.06 -7.49
C ILE B 177 -35.45 11.89 -8.98
N ASN B 178 -36.49 12.53 -9.48
CA ASN B 178 -36.80 12.56 -10.89
C ASN B 178 -35.87 13.55 -11.57
N ALA B 179 -34.86 12.98 -12.23
CA ALA B 179 -33.83 13.74 -12.88
C ALA B 179 -34.17 14.15 -14.33
N GLU B 180 -35.40 13.92 -14.76
CA GLU B 180 -35.87 14.21 -16.13
C GLU B 180 -36.26 15.66 -16.41
N GLY B 181 -36.62 16.41 -15.37
CA GLY B 181 -37.15 17.77 -15.58
C GLY B 181 -36.05 18.79 -15.86
N THR B 182 -36.44 20.07 -15.88
CA THR B 182 -35.51 21.16 -16.05
C THR B 182 -34.52 21.08 -14.91
N PRO B 183 -33.28 21.51 -15.13
CA PRO B 183 -32.30 21.62 -14.06
C PRO B 183 -32.83 22.34 -12.82
N GLU B 184 -33.58 23.43 -13.06
CA GLU B 184 -34.26 24.20 -12.01
C GLU B 184 -35.20 23.34 -11.13
N ASP B 185 -36.00 22.52 -11.79
CA ASP B 185 -36.99 21.70 -11.10
C ASP B 185 -36.31 20.52 -10.38
N VAL B 186 -35.24 19.97 -10.96
CA VAL B 186 -34.51 18.88 -10.32
C VAL B 186 -33.85 19.35 -9.03
N PHE B 187 -33.21 20.52 -9.11
CA PHE B 187 -32.56 21.16 -7.97
C PHE B 187 -33.52 21.39 -6.78
N LEU B 188 -34.72 21.86 -7.07
CA LEU B 188 -35.73 22.06 -6.05
C LEU B 188 -36.06 20.79 -5.30
N GLN B 189 -36.25 19.73 -6.08
CA GLN B 189 -36.52 18.41 -5.55
C GLN B 189 -35.37 17.93 -4.64
N LEU B 190 -34.14 18.18 -5.08
CA LEU B 190 -32.93 17.86 -4.31
C LEU B 190 -32.87 18.60 -3.00
N CYS B 191 -33.16 19.89 -3.04
CA CYS B 191 -33.19 20.71 -1.82
C CYS B 191 -34.31 20.30 -0.89
N THR B 192 -35.43 19.85 -1.47
CA THR B 192 -36.58 19.43 -0.67
C THR B 192 -36.21 18.17 0.13
N ALA B 193 -35.49 17.26 -0.53
CA ALA B 193 -35.00 16.03 0.09
C ALA B 193 -33.94 16.33 1.17
N ILE B 194 -32.98 17.18 0.83
CA ILE B 194 -31.93 17.57 1.78
C ILE B 194 -32.50 18.32 3.01
N ASP B 195 -33.39 19.27 2.77
CA ASP B 195 -33.97 20.04 3.88
C ASP B 195 -34.82 19.16 4.80
N SER B 196 -35.41 18.11 4.24
CA SER B 196 -36.30 17.18 4.97
C SER B 196 -35.55 16.25 5.91
N ILE B 197 -34.26 16.06 5.71
CA ILE B 197 -33.47 15.26 6.65
C ILE B 197 -32.73 16.19 7.60
N PHE B 198 -32.31 17.35 7.12
CA PHE B 198 -31.38 18.18 7.87
C PHE B 198 -32.01 19.50 8.30
N LEU B 199 -33.04 19.39 9.12
CA LEU B 199 -33.75 20.52 9.67
C LEU B 199 -34.53 20.04 10.88
N MET C 6 9.50 -9.04 18.69
CA MET C 6 10.08 -10.07 19.61
C MET C 6 10.36 -9.49 21.01
N GLU C 7 11.31 -8.55 21.09
CA GLU C 7 11.61 -7.82 22.32
C GLU C 7 10.45 -6.89 22.70
N ASP C 8 9.83 -6.29 21.68
CA ASP C 8 8.58 -5.56 21.84
C ASP C 8 7.50 -6.48 22.41
N LEU C 9 7.35 -7.66 21.80
CA LEU C 9 6.35 -8.66 22.24
C LEU C 9 6.58 -9.18 23.66
N ARG C 10 7.84 -9.19 24.09
CA ARG C 10 8.21 -9.74 25.39
C ARG C 10 7.97 -8.71 26.51
N LYS C 11 8.03 -7.41 26.19
CA LYS C 11 7.75 -6.34 27.16
C LYS C 11 6.30 -5.84 27.02
N CYS C 12 5.38 -6.78 26.81
CA CYS C 12 3.99 -6.46 26.52
C CYS C 12 2.99 -7.22 27.42
N LYS C 13 1.85 -6.61 27.73
CA LYS C 13 0.86 -7.23 28.63
C LYS C 13 0.09 -8.40 27.97
N ILE C 14 0.38 -9.63 28.42
CA ILE C 14 -0.23 -10.85 27.90
C ILE C 14 -1.04 -11.59 28.97
N ILE C 15 -2.30 -11.85 28.68
CA ILE C 15 -3.18 -12.52 29.62
C ILE C 15 -3.80 -13.75 28.95
N PHE C 16 -3.69 -14.89 29.63
CA PHE C 16 -4.38 -16.08 29.19
C PHE C 16 -5.60 -16.23 30.04
N ILE C 17 -6.74 -16.52 29.41
CA ILE C 17 -7.97 -16.80 30.13
C ILE C 17 -8.51 -18.19 29.72
N ILE C 18 -8.70 -19.04 30.71
CA ILE C 18 -9.08 -20.43 30.57
C ILE C 18 -10.40 -20.63 31.30
N GLY C 19 -11.30 -21.41 30.73
CA GLY C 19 -12.53 -21.74 31.43
C GLY C 19 -13.37 -22.68 30.60
N GLY C 20 -14.16 -23.52 31.25
CA GLY C 20 -14.91 -24.55 30.55
C GLY C 20 -16.16 -24.03 29.87
N PRO C 21 -16.76 -24.86 29.01
CA PRO C 21 -17.99 -24.50 28.33
C PRO C 21 -19.11 -24.23 29.33
N GLY C 22 -19.78 -23.10 29.17
CA GLY C 22 -20.82 -22.69 30.12
C GLY C 22 -20.32 -21.95 31.33
N SER C 23 -19.02 -21.65 31.43
CA SER C 23 -18.47 -20.93 32.59
C SER C 23 -18.75 -19.43 32.57
N GLY C 24 -19.10 -18.90 31.40
CA GLY C 24 -19.31 -17.47 31.17
C GLY C 24 -18.08 -16.74 30.63
N LYS C 25 -17.11 -17.49 30.12
CA LYS C 25 -15.84 -16.90 29.69
C LYS C 25 -16.03 -15.96 28.49
N GLY C 26 -16.88 -16.36 27.55
CA GLY C 26 -17.20 -15.56 26.37
C GLY C 26 -17.68 -14.16 26.72
N THR C 27 -18.71 -14.10 27.56
CA THR C 27 -19.26 -12.82 28.03
C THR C 27 -18.25 -11.98 28.82
N GLN C 28 -17.41 -12.64 29.61
CA GLN C 28 -16.42 -11.94 30.42
C GLN C 28 -15.29 -11.35 29.57
N CYS C 29 -14.97 -12.03 28.48
CA CYS C 29 -13.97 -11.51 27.55
C CYS C 29 -14.45 -10.24 26.84
N GLU C 30 -15.74 -10.18 26.56
CA GLU C 30 -16.32 -8.98 25.95
C GLU C 30 -16.31 -7.80 26.92
N LYS C 31 -16.66 -8.06 28.17
CA LYS C 31 -16.58 -7.08 29.24
C LYS C 31 -15.15 -6.55 29.46
N LEU C 32 -14.18 -7.46 29.51
CA LEU C 32 -12.76 -7.11 29.66
C LEU C 32 -12.20 -6.31 28.49
N VAL C 33 -12.71 -6.57 27.30
CA VAL C 33 -12.34 -5.82 26.13
C VAL C 33 -12.95 -4.41 26.22
N GLU C 34 -14.23 -4.32 26.60
CA GLU C 34 -14.88 -3.01 26.78
C GLU C 34 -14.12 -2.13 27.79
N LYS C 35 -13.75 -2.71 28.93
CA LYS C 35 -13.11 -1.96 30.01
C LYS C 35 -11.63 -1.62 29.72
N TYR C 36 -10.83 -2.64 29.41
CA TYR C 36 -9.38 -2.46 29.23
C TYR C 36 -8.93 -2.27 27.78
N GLY C 37 -9.79 -2.56 26.82
CA GLY C 37 -9.39 -2.46 25.40
C GLY C 37 -8.31 -3.46 24.97
N PHE C 38 -8.27 -4.63 25.61
CA PHE C 38 -7.33 -5.68 25.20
C PHE C 38 -7.68 -6.20 23.81
N THR C 39 -6.66 -6.68 23.11
CA THR C 39 -6.83 -7.38 21.84
C THR C 39 -7.17 -8.85 22.13
N HIS C 40 -8.41 -9.24 21.81
CA HIS C 40 -8.95 -10.56 22.14
C HIS C 40 -8.66 -11.52 21.00
N LEU C 41 -7.88 -12.54 21.30
CA LEU C 41 -7.45 -13.54 20.37
C LEU C 41 -7.84 -14.93 20.89
N SER C 42 -8.17 -15.80 19.95
CA SER C 42 -8.42 -17.23 20.20
C SER C 42 -7.95 -18.03 18.98
N THR C 43 -7.54 -19.25 19.24
CA THR C 43 -7.14 -20.17 18.21
C THR C 43 -8.21 -20.36 17.12
N GLY C 44 -9.46 -20.56 17.54
CA GLY C 44 -10.55 -20.79 16.57
C GLY C 44 -10.75 -19.63 15.62
N GLU C 45 -10.66 -18.42 16.15
CA GLU C 45 -10.83 -17.23 15.34
C GLU C 45 -9.62 -16.99 14.41
N LEU C 46 -8.41 -17.31 14.89
CA LEU C 46 -7.19 -17.19 14.07
C LEU C 46 -7.23 -18.17 12.90
N LEU C 47 -7.69 -19.39 13.16
CA LEU C 47 -7.92 -20.43 12.13
C LEU C 47 -8.97 -20.07 11.14
N ARG C 48 -10.11 -19.60 11.63
CA ARG C 48 -11.20 -19.12 10.77
C ARG C 48 -10.74 -18.01 9.80
N GLU C 49 -10.01 -17.04 10.35
CA GLU C 49 -9.43 -15.92 9.63
C GLU C 49 -8.40 -16.41 8.61
N GLU C 50 -7.50 -17.32 9.00
CA GLU C 50 -6.52 -17.86 8.06
C GLU C 50 -7.18 -18.61 6.89
N LEU C 51 -8.17 -19.44 7.23
CA LEU C 51 -8.90 -20.23 6.28
C LEU C 51 -9.61 -19.37 5.27
N ALA C 52 -9.96 -18.13 5.63
CA ALA C 52 -10.56 -17.21 4.68
C ALA C 52 -9.55 -16.42 3.84
N SER C 53 -8.26 -16.49 4.18
CA SER C 53 -7.20 -15.71 3.49
C SER C 53 -6.84 -16.19 2.10
N GLU C 54 -7.16 -17.44 1.76
CA GLU C 54 -6.77 -18.04 0.46
C GLU C 54 -5.23 -18.26 0.30
N SER C 55 -4.50 -18.15 1.40
CA SER C 55 -3.08 -18.39 1.39
C SER C 55 -2.81 -19.88 1.11
N GLU C 56 -1.61 -20.17 0.64
CA GLU C 56 -1.22 -21.54 0.46
C GLU C 56 -1.20 -22.27 1.79
N ARG C 57 -0.72 -21.60 2.84
CA ARG C 57 -0.73 -22.18 4.17
C ARG C 57 -2.17 -22.56 4.58
N SER C 58 -3.14 -21.71 4.25
CA SER C 58 -4.51 -21.96 4.61
C SER C 58 -5.05 -23.25 4.00
N LYS C 59 -4.57 -23.62 2.83
CA LYS C 59 -4.99 -24.86 2.17
C LYS C 59 -4.36 -26.09 2.85
N LEU C 60 -3.14 -25.95 3.35
CA LEU C 60 -2.57 -26.96 4.25
C LEU C 60 -3.44 -27.11 5.53
N ILE C 61 -3.75 -26.01 6.17
CA ILE C 61 -4.61 -26.05 7.37
C ILE C 61 -6.01 -26.61 7.06
N ARG C 62 -6.58 -26.24 5.91
CA ARG C 62 -7.89 -26.73 5.59
C ARG C 62 -7.91 -28.26 5.45
N ASP C 63 -6.93 -28.84 4.75
CA ASP C 63 -6.76 -30.30 4.70
C ASP C 63 -6.90 -30.93 6.11
N ILE C 64 -6.10 -30.45 7.04
CA ILE C 64 -6.08 -31.00 8.38
C ILE C 64 -7.42 -30.83 9.09
N MET C 65 -7.99 -29.64 9.03
CA MET C 65 -9.20 -29.36 9.80
C MET C 65 -10.37 -30.20 9.30
N GLU C 66 -10.37 -30.47 7.99
CA GLU C 66 -11.40 -31.30 7.33
C GLU C 66 -11.33 -32.77 7.73
N ARG C 67 -10.20 -33.21 8.28
CA ARG C 67 -10.13 -34.55 8.90
C ARG C 67 -10.54 -34.52 10.38
N GLY C 68 -10.68 -33.32 10.94
CA GLY C 68 -10.84 -33.15 12.38
C GLY C 68 -9.54 -33.56 13.03
N ASP C 69 -8.43 -33.29 12.36
CA ASP C 69 -7.10 -33.63 12.85
C ASP C 69 -6.50 -32.45 13.52
N LEU C 70 -5.45 -32.77 14.27
CA LEU C 70 -4.67 -31.83 15.05
C LEU C 70 -3.93 -30.85 14.15
N VAL C 71 -4.19 -29.57 14.39
CA VAL C 71 -3.45 -28.50 13.75
C VAL C 71 -2.17 -28.43 14.55
N PRO C 72 -1.01 -28.65 13.89
CA PRO C 72 0.28 -28.54 14.58
C PRO C 72 0.43 -27.22 15.35
N SER C 73 0.96 -27.32 16.56
CA SER C 73 1.02 -26.18 17.44
C SER C 73 1.90 -25.08 16.84
N GLY C 74 2.94 -25.47 16.12
CA GLY C 74 3.80 -24.53 15.38
C GLY C 74 3.06 -23.68 14.37
N ILE C 75 2.03 -24.25 13.75
CA ILE C 75 1.20 -23.48 12.84
C ILE C 75 0.33 -22.47 13.59
N VAL C 76 -0.31 -22.92 14.67
CA VAL C 76 -1.12 -22.06 15.50
C VAL C 76 -0.29 -20.90 16.03
N LEU C 77 0.95 -21.18 16.44
CA LEU C 77 1.88 -20.18 16.93
C LEU C 77 2.25 -19.10 15.90
N GLU C 78 2.56 -19.54 14.68
CA GLU C 78 2.71 -18.63 13.53
C GLU C 78 1.52 -17.66 13.47
N LEU C 79 0.31 -18.22 13.50
CA LEU C 79 -0.90 -17.41 13.34
C LEU C 79 -1.06 -16.42 14.47
N LEU C 80 -0.73 -16.88 15.67
CA LEU C 80 -0.87 -16.10 16.87
C LEU C 80 0.15 -14.96 16.90
N LYS C 81 1.38 -15.29 16.53
CA LYS C 81 2.44 -14.30 16.42
C LYS C 81 2.11 -13.23 15.39
N GLU C 82 1.63 -13.64 14.22
CA GLU C 82 1.24 -12.66 13.20
C GLU C 82 0.18 -11.70 13.71
N ALA C 83 -0.89 -12.23 14.33
CA ALA C 83 -1.96 -11.39 14.92
C ALA C 83 -1.42 -10.42 15.95
N MET C 84 -0.47 -10.91 16.74
CA MET C 84 0.13 -10.11 17.80
C MET C 84 1.00 -9.01 17.21
N VAL C 85 1.77 -9.35 16.19
CA VAL C 85 2.59 -8.33 15.50
C VAL C 85 1.74 -7.26 14.85
N ALA C 86 0.66 -7.66 14.18
CA ALA C 86 -0.23 -6.73 13.47
C ALA C 86 -1.04 -5.81 14.39
N SER C 87 -1.13 -6.12 15.68
CA SER C 87 -1.81 -5.22 16.60
C SER C 87 -0.86 -4.60 17.63
N LEU C 88 0.40 -4.98 17.58
CA LEU C 88 1.43 -4.35 18.40
C LEU C 88 1.58 -2.91 17.92
N GLY C 89 1.58 -1.97 18.87
CA GLY C 89 1.57 -0.56 18.53
C GLY C 89 0.35 0.09 19.14
N ASP C 90 -0.83 -0.26 18.65
CA ASP C 90 -2.07 0.31 19.15
C ASP C 90 -2.84 -0.68 20.03
N THR C 91 -2.14 -1.68 20.56
CA THR C 91 -2.74 -2.58 21.52
C THR C 91 -2.53 -2.08 22.94
N ARG C 92 -3.55 -2.27 23.78
CA ARG C 92 -3.41 -2.07 25.21
C ARG C 92 -3.01 -3.40 25.87
N GLY C 93 -2.95 -4.48 25.10
CA GLY C 93 -2.54 -5.78 25.64
C GLY C 93 -3.34 -6.91 25.03
N PHE C 94 -2.86 -8.13 25.22
CA PHE C 94 -3.47 -9.32 24.60
C PHE C 94 -4.20 -10.18 25.62
N LEU C 95 -5.43 -10.51 25.28
CA LEU C 95 -6.25 -11.41 26.06
C LEU C 95 -6.39 -12.64 25.16
N ILE C 96 -5.66 -13.68 25.51
CA ILE C 96 -5.61 -14.88 24.71
C ILE C 96 -6.45 -15.94 25.39
N ASP C 97 -7.47 -16.36 24.64
CA ASP C 97 -8.64 -17.02 25.16
C ASP C 97 -8.60 -18.49 24.83
N GLY C 98 -8.64 -19.32 25.87
CA GLY C 98 -8.63 -20.78 25.75
C GLY C 98 -7.27 -21.37 25.41
N TYR C 99 -6.21 -20.61 25.64
CA TYR C 99 -4.90 -20.97 25.16
C TYR C 99 -3.97 -21.09 26.37
N PRO C 100 -3.01 -22.04 26.34
CA PRO C 100 -2.82 -23.11 25.34
C PRO C 100 -3.66 -24.33 25.67
N ARG C 101 -3.64 -25.30 24.77
CA ARG C 101 -4.43 -26.53 24.90
C ARG C 101 -3.59 -27.66 25.55
N GLU C 102 -2.29 -27.41 25.72
CA GLU C 102 -1.40 -28.39 26.31
C GLU C 102 -0.15 -27.63 26.74
N VAL C 103 0.67 -28.28 27.57
CA VAL C 103 1.82 -27.65 28.17
C VAL C 103 2.90 -27.37 27.13
N LYS C 104 3.21 -28.33 26.26
CA LYS C 104 4.28 -28.11 25.28
C LYS C 104 3.99 -26.86 24.43
N GLN C 105 2.74 -26.70 24.03
CA GLN C 105 2.29 -25.55 23.28
C GLN C 105 2.59 -24.23 24.00
N GLY C 106 2.27 -24.18 25.29
CA GLY C 106 2.54 -23.01 26.11
C GLY C 106 4.02 -22.72 26.32
N GLU C 107 4.82 -23.78 26.43
CA GLU C 107 6.25 -23.64 26.58
C GLU C 107 6.86 -23.06 25.30
N GLU C 108 6.42 -23.53 24.14
CA GLU C 108 6.90 -22.95 22.88
C GLU C 108 6.44 -21.49 22.72
N PHE C 109 5.26 -21.17 23.22
CA PHE C 109 4.79 -19.79 23.24
C PHE C 109 5.72 -18.92 24.06
N GLY C 110 6.06 -19.40 25.27
CA GLY C 110 7.03 -18.72 26.12
C GLY C 110 8.35 -18.44 25.42
N ARG C 111 8.92 -19.47 24.79
CA ARG C 111 10.23 -19.34 24.15
C ARG C 111 10.16 -18.38 22.98
N ARG C 112 9.11 -18.53 22.17
CA ARG C 112 9.05 -17.88 20.86
C ARG C 112 8.29 -16.54 20.83
N ILE C 113 7.44 -16.27 21.82
CA ILE C 113 6.63 -15.02 21.82
C ILE C 113 6.78 -14.22 23.11
N GLY C 114 6.35 -14.80 24.21
CA GLY C 114 6.47 -14.12 25.48
C GLY C 114 5.83 -14.92 26.59
N ASP C 115 6.08 -14.51 27.82
CA ASP C 115 5.50 -15.16 28.98
C ASP C 115 4.28 -14.35 29.42
N PRO C 116 3.13 -15.02 29.67
CA PRO C 116 1.97 -14.30 30.17
C PRO C 116 2.25 -13.86 31.59
N GLN C 117 1.88 -12.63 31.91
CA GLN C 117 2.06 -12.11 33.27
C GLN C 117 0.97 -12.73 34.13
N LEU C 118 -0.17 -13.01 33.52
CA LEU C 118 -1.32 -13.52 34.26
C LEU C 118 -2.06 -14.61 33.47
N VAL C 119 -2.42 -15.66 34.18
CA VAL C 119 -3.27 -16.71 33.65
C VAL C 119 -4.49 -16.71 34.55
N ILE C 120 -5.64 -16.39 33.95
CA ILE C 120 -6.92 -16.42 34.64
C ILE C 120 -7.63 -17.75 34.38
N CYS C 121 -8.02 -18.39 35.47
CA CYS C 121 -8.68 -19.66 35.40
C CYS C 121 -10.09 -19.55 36.00
N MET C 122 -11.10 -19.67 35.14
CA MET C 122 -12.49 -19.58 35.57
C MET C 122 -13.00 -20.93 36.03
N ASP C 123 -13.05 -21.09 37.35
CA ASP C 123 -13.50 -22.33 37.98
C ASP C 123 -15.01 -22.33 38.04
N CYS C 124 -15.57 -23.51 37.75
CA CYS C 124 -17.00 -23.68 37.75
C CYS C 124 -17.31 -25.14 37.97
N SER C 125 -18.33 -25.44 38.78
CA SER C 125 -18.72 -26.84 39.01
C SER C 125 -19.28 -27.44 37.75
N ALA C 126 -19.12 -28.75 37.62
CA ALA C 126 -19.71 -29.51 36.51
C ALA C 126 -21.23 -29.40 36.48
N ASP C 127 -21.85 -29.44 37.65
CA ASP C 127 -23.30 -29.26 37.77
C ASP C 127 -23.74 -27.92 37.21
N THR C 128 -23.02 -26.85 37.54
CA THR C 128 -23.40 -25.53 37.04
C THR C 128 -23.16 -25.39 35.53
N MET C 129 -22.04 -25.91 35.06
CA MET C 129 -21.74 -25.84 33.65
C MET C 129 -22.79 -26.66 32.89
N THR C 130 -23.16 -27.81 33.45
CA THR C 130 -24.14 -28.69 32.78
C THR C 130 -25.48 -27.95 32.65
N ASN C 131 -25.96 -27.37 33.75
CA ASN C 131 -27.25 -26.67 33.73
C ASN C 131 -27.26 -25.48 32.79
N ARG C 132 -26.15 -24.75 32.76
CA ARG C 132 -26.00 -23.60 31.88
C ARG C 132 -25.99 -23.99 30.43
N LEU C 133 -25.30 -25.08 30.10
CA LEU C 133 -25.21 -25.57 28.74
C LEU C 133 -26.53 -26.12 28.23
N LEU C 134 -27.31 -26.76 29.12
CA LEU C 134 -28.70 -27.16 28.83
C LEU C 134 -29.61 -25.99 28.53
N GLN C 135 -29.45 -24.90 29.27
CA GLN C 135 -30.14 -23.64 28.96
C GLN C 135 -29.78 -23.00 27.62
N MET C 136 -28.57 -23.29 27.16
CA MET C 136 -28.08 -22.78 25.87
CA MET C 136 -28.02 -22.81 25.89
C MET C 136 -28.25 -23.79 24.74
N SER C 137 -28.74 -24.98 25.05
CA SER C 137 -28.88 -26.07 24.09
C SER C 137 -29.93 -25.83 23.01
N ARG C 138 -29.64 -26.33 21.81
CA ARG C 138 -30.58 -26.41 20.70
C ARG C 138 -30.77 -27.88 20.29
N SER C 139 -30.50 -28.79 21.21
CA SER C 139 -30.66 -30.21 20.96
C SER C 139 -32.10 -30.62 20.62
N SER C 140 -32.21 -31.44 19.58
CA SER C 140 -33.45 -32.05 19.15
C SER C 140 -33.61 -33.45 19.71
N LEU C 141 -32.71 -33.81 20.63
CA LEU C 141 -32.65 -35.11 21.21
C LEU C 141 -33.12 -34.98 22.65
N PRO C 142 -33.59 -36.08 23.26
CA PRO C 142 -34.02 -36.05 24.66
C PRO C 142 -32.93 -35.61 25.63
N VAL C 143 -33.33 -35.07 26.77
CA VAL C 143 -32.38 -34.51 27.71
C VAL C 143 -31.30 -35.51 28.14
N ASP C 144 -31.65 -36.78 28.32
CA ASP C 144 -30.65 -37.78 28.73
C ASP C 144 -29.48 -37.90 27.74
N ASP C 145 -29.78 -37.92 26.44
CA ASP C 145 -28.77 -38.03 25.39
C ASP C 145 -27.98 -36.72 25.37
N THR C 146 -28.69 -35.60 25.40
CA THR C 146 -28.09 -34.29 25.35
C THR C 146 -27.10 -34.08 26.52
N THR C 147 -27.49 -34.53 27.71
CA THR C 147 -26.70 -34.43 28.90
C THR C 147 -25.46 -35.34 28.90
N LYS C 148 -25.53 -36.51 28.26
CA LYS C 148 -24.35 -37.40 28.14
C LYS C 148 -23.28 -36.73 27.29
N THR C 149 -23.74 -36.05 26.25
CA THR C 149 -22.86 -35.34 25.35
C THR C 149 -22.21 -34.14 26.03
N ILE C 150 -23.00 -33.35 26.74
CA ILE C 150 -22.46 -32.26 27.58
C ILE C 150 -21.38 -32.79 28.57
N ALA C 151 -21.63 -33.94 29.21
CA ALA C 151 -20.61 -34.55 30.06
C ALA C 151 -19.30 -34.86 29.29
N LYS C 152 -19.41 -35.24 28.02
CA LYS C 152 -18.22 -35.42 27.17
C LYS C 152 -17.48 -34.12 26.91
N ARG C 153 -18.24 -33.03 26.78
CA ARG C 153 -17.68 -31.72 26.57
C ARG C 153 -16.90 -31.25 27.77
N LEU C 154 -17.41 -31.52 28.96
CA LEU C 154 -16.74 -31.09 30.19
C LEU C 154 -15.46 -31.92 30.42
N GLU C 155 -15.55 -33.22 30.17
CA GLU C 155 -14.39 -34.12 30.21
C GLU C 155 -13.28 -33.69 29.23
N ALA C 156 -13.64 -33.32 28.02
CA ALA C 156 -12.65 -32.79 27.05
C ALA C 156 -12.03 -31.48 27.51
N TYR C 157 -12.84 -30.63 28.13
CA TYR C 157 -12.32 -29.43 28.73
C TYR C 157 -11.36 -29.74 29.86
N TYR C 158 -11.70 -30.70 30.73
CA TYR C 158 -10.83 -31.00 31.86
C TYR C 158 -9.46 -31.54 31.40
N ARG C 159 -9.46 -32.36 30.35
CA ARG C 159 -8.22 -32.91 29.83
C ARG C 159 -7.35 -31.82 29.24
N ALA C 160 -7.96 -30.83 28.62
CA ALA C 160 -7.25 -29.72 28.02
C ALA C 160 -6.71 -28.79 29.10
N SER C 161 -7.50 -28.52 30.13
CA SER C 161 -7.19 -27.45 31.10
C SER C 161 -6.32 -27.86 32.30
N ILE C 162 -6.51 -29.08 32.81
CA ILE C 162 -5.87 -29.48 34.08
C ILE C 162 -4.33 -29.50 34.04
N PRO C 163 -3.72 -30.16 33.02
CA PRO C 163 -2.25 -30.11 32.91
C PRO C 163 -1.69 -28.71 32.61
N VAL C 164 -2.47 -27.89 31.94
CA VAL C 164 -2.13 -26.49 31.65
C VAL C 164 -2.17 -25.62 32.92
N ILE C 165 -3.24 -25.73 33.70
CA ILE C 165 -3.34 -24.93 34.94
C ILE C 165 -2.27 -25.38 35.92
N ALA C 166 -2.03 -26.69 36.00
CA ALA C 166 -1.00 -27.24 36.89
C ALA C 166 0.40 -26.76 36.51
N TYR C 167 0.64 -26.58 35.21
CA TYR C 167 1.91 -26.08 34.70
C TYR C 167 2.11 -24.62 35.03
N TYR C 168 1.09 -23.80 34.81
CA TYR C 168 1.25 -22.35 34.96
C TYR C 168 1.31 -21.95 36.42
N GLU C 169 0.71 -22.78 37.27
CA GLU C 169 0.89 -22.66 38.72
C GLU C 169 2.37 -22.52 39.05
N THR C 170 3.17 -23.42 38.47
CA THR C 170 4.62 -23.48 38.69
C THR C 170 5.43 -22.35 38.04
N LYS C 171 4.80 -21.56 37.15
CA LYS C 171 5.54 -20.62 36.27
C LYS C 171 5.16 -19.12 36.37
N THR C 172 3.94 -18.79 36.80
CA THR C 172 3.50 -17.39 36.77
C THR C 172 2.35 -17.13 37.75
N GLN C 173 1.84 -15.90 37.73
CA GLN C 173 0.70 -15.56 38.53
C GLN C 173 -0.52 -16.25 37.90
N LEU C 174 -1.13 -17.14 38.68
CA LEU C 174 -2.34 -17.84 38.30
C LEU C 174 -3.42 -17.43 39.27
N HIS C 175 -4.50 -16.87 38.74
CA HIS C 175 -5.64 -16.45 39.56
C HIS C 175 -6.86 -17.29 39.19
N LYS C 176 -7.46 -17.92 40.20
CA LYS C 176 -8.67 -18.69 40.00
C LYS C 176 -9.86 -17.79 40.34
N ILE C 177 -10.89 -17.84 39.50
CA ILE C 177 -12.06 -17.01 39.67
C ILE C 177 -13.25 -17.94 39.86
N ASN C 178 -14.06 -17.67 40.88
CA ASN C 178 -15.30 -18.44 41.06
C ASN C 178 -16.38 -17.96 40.07
N ALA C 179 -16.56 -18.74 39.01
CA ALA C 179 -17.50 -18.40 37.94
C ALA C 179 -18.94 -18.87 38.27
N GLU C 180 -19.15 -19.38 39.47
CA GLU C 180 -20.51 -19.69 39.96
C GLU C 180 -21.33 -18.42 40.18
N GLY C 181 -20.63 -17.33 40.48
CA GLY C 181 -21.27 -16.07 40.79
C GLY C 181 -21.93 -15.44 39.58
N THR C 182 -22.72 -14.39 39.85
CA THR C 182 -23.37 -13.59 38.83
C THR C 182 -22.28 -12.99 37.92
N PRO C 183 -22.63 -12.63 36.68
CA PRO C 183 -21.56 -12.15 35.79
C PRO C 183 -20.87 -10.88 36.28
N GLU C 184 -21.58 -10.08 37.07
CA GLU C 184 -21.04 -8.85 37.59
C GLU C 184 -20.02 -9.13 38.70
N ASP C 185 -20.34 -10.03 39.62
CA ASP C 185 -19.37 -10.49 40.63
C ASP C 185 -18.12 -11.06 39.95
N VAL C 186 -18.32 -11.89 38.93
CA VAL C 186 -17.20 -12.54 38.27
C VAL C 186 -16.29 -11.49 37.62
N PHE C 187 -16.89 -10.46 37.05
CA PHE C 187 -16.15 -9.40 36.37
C PHE C 187 -15.31 -8.61 37.37
N LEU C 188 -15.93 -8.26 38.48
CA LEU C 188 -15.20 -7.64 39.60
C LEU C 188 -13.99 -8.46 40.03
N GLN C 189 -14.16 -9.77 40.16
CA GLN C 189 -13.05 -10.65 40.51
C GLN C 189 -11.95 -10.59 39.45
N LEU C 190 -12.35 -10.81 38.20
CA LEU C 190 -11.43 -10.73 37.07
C LEU C 190 -10.64 -9.42 37.08
N CYS C 191 -11.35 -8.31 37.27
CA CYS C 191 -10.73 -6.99 37.24
C CYS C 191 -9.76 -6.80 38.38
N THR C 192 -10.13 -7.26 39.57
CA THR C 192 -9.22 -7.25 40.71
C THR C 192 -7.92 -7.93 40.30
N ALA C 193 -8.03 -9.14 39.76
CA ALA C 193 -6.87 -9.92 39.31
C ALA C 193 -6.03 -9.19 38.25
N ILE C 194 -6.69 -8.53 37.31
CA ILE C 194 -5.99 -7.77 36.26
C ILE C 194 -5.35 -6.50 36.82
N ASP C 195 -6.13 -5.68 37.51
CA ASP C 195 -5.61 -4.47 38.13
C ASP C 195 -4.47 -4.78 39.09
N SER C 196 -4.60 -5.89 39.80
CA SER C 196 -3.59 -6.41 40.73
C SER C 196 -2.20 -6.57 40.09
N ILE C 197 -2.16 -6.83 38.80
CA ILE C 197 -0.90 -7.12 38.13
C ILE C 197 -0.37 -5.96 37.25
N PHE C 198 -1.24 -5.02 36.89
CA PHE C 198 -0.90 -3.96 35.95
C PHE C 198 -1.32 -2.59 36.49
N MET D 6 -7.12 40.80 2.97
CA MET D 6 -7.14 40.25 1.59
C MET D 6 -7.52 41.32 0.56
N GLU D 7 -8.71 41.92 0.74
CA GLU D 7 -9.27 42.92 -0.18
C GLU D 7 -8.52 44.25 -0.16
N ASP D 8 -8.09 44.67 1.02
CA ASP D 8 -7.24 45.84 1.19
C ASP D 8 -5.87 45.61 0.55
N LEU D 9 -5.30 44.42 0.78
CA LEU D 9 -4.02 44.02 0.18
C LEU D 9 -4.13 43.75 -1.33
N ARG D 10 -5.33 43.45 -1.81
CA ARG D 10 -5.57 43.23 -3.24
C ARG D 10 -5.69 44.54 -4.02
N LYS D 11 -5.95 45.65 -3.31
CA LYS D 11 -6.21 46.95 -3.93
C LYS D 11 -5.21 48.03 -3.52
N CYS D 12 -3.92 47.77 -3.75
CA CYS D 12 -2.88 48.78 -3.48
C CYS D 12 -1.65 48.63 -4.39
N LYS D 13 -0.79 49.65 -4.38
CA LYS D 13 0.30 49.77 -5.34
C LYS D 13 1.43 48.78 -5.06
N ILE D 14 1.66 47.86 -6.00
CA ILE D 14 2.80 46.94 -5.95
C ILE D 14 3.47 46.88 -7.33
N ILE D 15 4.78 47.09 -7.37
CA ILE D 15 5.56 46.97 -8.60
C ILE D 15 6.69 45.96 -8.41
N PHE D 16 6.85 45.05 -9.38
CA PHE D 16 7.98 44.13 -9.40
C PHE D 16 9.14 44.80 -10.16
N ILE D 17 10.36 44.51 -9.71
CA ILE D 17 11.56 44.94 -10.42
C ILE D 17 12.52 43.76 -10.63
N ILE D 18 12.93 43.59 -11.89
CA ILE D 18 13.67 42.42 -12.35
C ILE D 18 14.92 42.89 -13.09
N GLY D 19 16.07 42.31 -12.78
CA GLY D 19 17.31 42.70 -13.43
C GLY D 19 18.52 41.85 -13.08
N GLY D 20 19.36 41.58 -14.06
CA GLY D 20 20.51 40.70 -13.87
C GLY D 20 21.52 41.21 -12.85
N PRO D 21 22.39 40.31 -12.36
CA PRO D 21 23.49 40.77 -11.53
C PRO D 21 24.33 41.82 -12.27
N GLY D 22 24.57 42.96 -11.63
CA GLY D 22 25.33 44.04 -12.27
C GLY D 22 24.55 44.81 -13.33
N SER D 23 23.23 44.77 -13.24
CA SER D 23 22.38 45.63 -14.07
C SER D 23 22.18 47.02 -13.44
N GLY D 24 22.66 47.21 -12.22
CA GLY D 24 22.49 48.47 -11.49
C GLY D 24 21.14 48.57 -10.80
N LYS D 25 20.56 47.42 -10.48
CA LYS D 25 19.24 47.34 -9.86
C LYS D 25 19.31 47.77 -8.41
N GLY D 26 20.22 47.15 -7.67
CA GLY D 26 20.43 47.43 -6.25
C GLY D 26 20.56 48.91 -6.00
N THR D 27 21.48 49.55 -6.73
CA THR D 27 21.70 51.00 -6.61
C THR D 27 20.43 51.81 -6.96
N GLN D 28 19.70 51.35 -7.98
CA GLN D 28 18.49 52.04 -8.42
C GLN D 28 17.33 51.92 -7.43
N CYS D 29 17.17 50.75 -6.82
CA CYS D 29 16.12 50.53 -5.84
C CYS D 29 16.26 51.45 -4.62
N GLU D 30 17.50 51.70 -4.19
CA GLU D 30 17.78 52.62 -3.08
C GLU D 30 17.34 54.06 -3.42
N LYS D 31 17.57 54.46 -4.66
CA LYS D 31 17.13 55.77 -5.14
C LYS D 31 15.61 55.84 -5.20
N LEU D 32 14.97 54.74 -5.60
CA LEU D 32 13.51 54.65 -5.66
C LEU D 32 12.86 54.63 -4.27
N VAL D 33 13.55 54.01 -3.32
CA VAL D 33 13.12 54.04 -1.92
C VAL D 33 13.12 55.48 -1.42
N GLU D 34 14.25 56.16 -1.58
CA GLU D 34 14.41 57.53 -1.07
C GLU D 34 13.56 58.56 -1.85
N LYS D 35 13.16 58.23 -3.07
CA LYS D 35 12.44 59.17 -3.94
C LYS D 35 10.94 58.91 -4.10
N TYR D 36 10.44 57.81 -3.56
CA TYR D 36 9.00 57.57 -3.52
C TYR D 36 8.52 56.78 -2.27
N GLY D 37 9.38 56.64 -1.27
CA GLY D 37 9.01 56.04 0.02
C GLY D 37 8.46 54.61 0.00
N PHE D 38 8.82 53.84 -1.02
CA PHE D 38 8.31 52.48 -1.18
C PHE D 38 8.83 51.51 -0.12
N THR D 39 8.08 50.45 0.10
CA THR D 39 8.55 49.32 0.91
C THR D 39 9.31 48.35 -0.01
N HIS D 40 10.63 48.33 0.15
CA HIS D 40 11.51 47.45 -0.62
C HIS D 40 11.55 46.05 0.01
N LEU D 41 11.14 45.03 -0.75
CA LEU D 41 11.17 43.63 -0.28
C LEU D 41 11.89 42.73 -1.30
N SER D 42 12.73 41.83 -0.79
CA SER D 42 13.34 40.77 -1.61
C SER D 42 13.27 39.48 -0.81
N THR D 43 13.19 38.36 -1.51
CA THR D 43 13.11 37.06 -0.84
C THR D 43 14.35 36.78 0.01
N GLY D 44 15.52 37.16 -0.50
CA GLY D 44 16.78 37.00 0.22
C GLY D 44 16.75 37.64 1.60
N GLU D 45 16.22 38.85 1.67
CA GLU D 45 16.13 39.56 2.94
C GLU D 45 15.03 38.97 3.80
N LEU D 46 13.92 38.57 3.17
CA LEU D 46 12.81 37.94 3.88
C LEU D 46 13.19 36.64 4.58
N LEU D 47 14.02 35.84 3.90
CA LEU D 47 14.56 34.61 4.48
C LEU D 47 15.55 34.91 5.59
N ARG D 48 16.46 35.86 5.36
CA ARG D 48 17.43 36.29 6.38
C ARG D 48 16.70 36.72 7.67
N GLU D 49 15.67 37.53 7.52
CA GLU D 49 14.87 38.01 8.65
C GLU D 49 14.22 36.84 9.40
N GLU D 50 13.66 35.89 8.65
CA GLU D 50 12.98 34.73 9.26
C GLU D 50 13.97 33.80 9.98
N LEU D 51 15.11 33.56 9.36
CA LEU D 51 16.17 32.74 9.99
C LEU D 51 16.65 33.33 11.31
N ALA D 52 16.72 34.66 11.36
CA ALA D 52 17.11 35.38 12.57
C ALA D 52 16.00 35.39 13.64
N SER D 53 14.79 34.99 13.27
CA SER D 53 13.65 35.01 14.20
C SER D 53 13.66 33.87 15.20
N GLU D 54 14.42 32.81 14.92
CA GLU D 54 14.45 31.62 15.79
C GLU D 54 13.04 30.98 15.99
N SER D 55 12.13 31.26 15.05
CA SER D 55 10.78 30.68 15.04
C SER D 55 10.82 29.21 14.63
N GLU D 56 9.71 28.52 14.84
CA GLU D 56 9.64 27.10 14.52
C GLU D 56 9.71 26.85 12.99
N ARG D 57 9.07 27.74 12.24
CA ARG D 57 9.14 27.70 10.78
C ARG D 57 10.55 27.99 10.25
N SER D 58 11.25 28.91 10.90
CA SER D 58 12.65 29.19 10.53
C SER D 58 13.53 27.95 10.63
N LYS D 59 13.15 27.02 11.52
CA LYS D 59 13.91 25.80 11.75
C LYS D 59 13.77 24.87 10.55
N LEU D 60 12.61 24.88 9.92
CA LEU D 60 12.37 24.13 8.69
C LEU D 60 13.16 24.73 7.55
N ILE D 61 13.06 26.04 7.38
CA ILE D 61 13.83 26.74 6.37
C ILE D 61 15.33 26.43 6.52
N ARG D 62 15.85 26.55 7.74
CA ARG D 62 17.25 26.24 8.00
C ARG D 62 17.65 24.84 7.53
N ASP D 63 16.89 23.82 7.90
CA ASP D 63 17.14 22.45 7.42
C ASP D 63 17.30 22.43 5.89
N ILE D 64 16.37 23.11 5.24
CA ILE D 64 16.31 23.11 3.78
C ILE D 64 17.52 23.84 3.16
N MET D 65 17.79 25.07 3.61
CA MET D 65 18.83 25.92 3.02
C MET D 65 20.27 25.44 3.29
N GLU D 66 20.41 24.66 4.35
CA GLU D 66 21.70 24.11 4.73
C GLU D 66 22.04 22.90 3.86
N ARG D 67 20.99 22.23 3.38
CA ARG D 67 21.15 21.14 2.42
C ARG D 67 21.43 21.66 1.00
N GLY D 68 21.34 22.98 0.79
CA GLY D 68 21.44 23.57 -0.53
C GLY D 68 20.18 23.39 -1.38
N ASP D 69 19.09 22.99 -0.71
CA ASP D 69 17.81 22.72 -1.34
C ASP D 69 16.99 24.00 -1.50
N LEU D 70 15.97 23.94 -2.35
CA LEU D 70 15.14 25.11 -2.58
C LEU D 70 14.02 25.21 -1.52
N VAL D 71 13.72 26.45 -1.14
CA VAL D 71 12.68 26.77 -0.17
C VAL D 71 11.37 26.84 -0.94
N PRO D 72 10.37 26.01 -0.59
CA PRO D 72 9.13 25.94 -1.36
C PRO D 72 8.53 27.32 -1.63
N SER D 73 8.01 27.53 -2.84
CA SER D 73 7.41 28.82 -3.21
C SER D 73 6.43 29.29 -2.14
N GLY D 74 5.66 28.35 -1.61
CA GLY D 74 4.62 28.66 -0.63
C GLY D 74 5.15 29.25 0.67
N ILE D 75 6.33 28.77 1.11
CA ILE D 75 6.95 29.33 2.31
C ILE D 75 7.37 30.76 2.05
N VAL D 76 8.03 30.96 0.91
CA VAL D 76 8.46 32.30 0.51
C VAL D 76 7.27 33.25 0.39
N LEU D 77 6.18 32.72 -0.16
CA LEU D 77 4.95 33.47 -0.39
C LEU D 77 4.28 33.89 0.93
N GLU D 78 4.33 33.00 1.93
CA GLU D 78 3.92 33.31 3.31
C GLU D 78 4.70 34.50 3.87
N LEU D 79 6.02 34.46 3.70
CA LEU D 79 6.90 35.51 4.22
C LEU D 79 6.64 36.86 3.57
N LEU D 80 6.35 36.83 2.27
CA LEU D 80 5.95 38.02 1.52
C LEU D 80 4.70 38.64 2.12
N LYS D 81 3.64 37.84 2.19
CA LYS D 81 2.33 38.30 2.67
C LYS D 81 2.42 38.93 4.05
N GLU D 82 3.26 38.35 4.91
CA GLU D 82 3.43 38.84 6.28
C GLU D 82 4.04 40.25 6.35
N ALA D 83 5.20 40.41 5.71
CA ALA D 83 5.88 41.70 5.68
C ALA D 83 5.00 42.79 5.06
N MET D 84 4.20 42.41 4.07
CA MET D 84 3.25 43.31 3.43
C MET D 84 2.12 43.71 4.37
N VAL D 85 1.47 42.71 4.97
CA VAL D 85 0.45 42.91 5.99
C VAL D 85 0.95 43.85 7.09
N ALA D 86 2.18 43.62 7.55
CA ALA D 86 2.79 44.42 8.62
C ALA D 86 2.94 45.90 8.26
N SER D 87 3.15 46.19 6.97
CA SER D 87 3.44 47.55 6.51
C SER D 87 2.19 48.32 6.06
N LEU D 88 1.12 47.61 5.71
CA LEU D 88 -0.15 48.25 5.30
C LEU D 88 -0.55 49.37 6.25
N GLY D 89 -0.97 50.50 5.67
CA GLY D 89 -1.37 51.68 6.44
C GLY D 89 -0.22 52.66 6.56
N ASP D 90 0.96 52.15 6.88
CA ASP D 90 2.18 52.97 6.95
C ASP D 90 2.94 52.99 5.61
N THR D 91 2.42 52.30 4.60
CA THR D 91 3.13 52.09 3.32
C THR D 91 2.63 53.02 2.21
N ARG D 92 3.55 53.45 1.34
CA ARG D 92 3.19 54.21 0.14
C ARG D 92 3.19 53.30 -1.11
N GLY D 93 3.43 52.01 -0.92
CA GLY D 93 3.50 51.05 -2.03
C GLY D 93 4.62 50.03 -1.85
N PHE D 94 4.58 48.97 -2.66
CA PHE D 94 5.53 47.85 -2.54
C PHE D 94 6.41 47.68 -3.76
N LEU D 95 7.71 47.55 -3.53
CA LEU D 95 8.70 47.33 -4.57
C LEU D 95 9.35 45.97 -4.33
N ILE D 96 8.93 44.95 -5.07
CA ILE D 96 9.42 43.58 -4.86
C ILE D 96 10.61 43.26 -5.78
N ASP D 97 11.80 43.27 -5.19
CA ASP D 97 13.06 43.15 -5.92
C ASP D 97 13.39 41.69 -6.26
N GLY D 98 13.61 41.43 -7.55
CA GLY D 98 14.02 40.11 -8.04
C GLY D 98 13.01 39.00 -7.79
N TYR D 99 11.74 39.29 -8.10
CA TYR D 99 10.64 38.35 -7.89
C TYR D 99 9.60 38.49 -9.01
N PRO D 100 8.95 37.37 -9.42
CA PRO D 100 9.18 35.96 -9.07
C PRO D 100 10.30 35.31 -9.90
N ARG D 101 10.68 34.09 -9.52
CA ARG D 101 11.70 33.31 -10.26
C ARG D 101 11.05 32.35 -11.29
N GLU D 102 9.77 32.02 -11.08
CA GLU D 102 9.01 31.16 -11.99
C GLU D 102 7.66 31.80 -12.30
N VAL D 103 6.98 31.28 -13.32
CA VAL D 103 5.59 31.68 -13.58
C VAL D 103 4.66 31.10 -12.51
N LYS D 104 4.89 29.83 -12.14
CA LYS D 104 4.09 29.20 -11.10
C LYS D 104 4.09 30.07 -9.85
N GLN D 105 5.24 30.64 -9.54
CA GLN D 105 5.39 31.48 -8.37
C GLN D 105 4.70 32.83 -8.57
N GLY D 106 4.82 33.38 -9.78
CA GLY D 106 4.11 34.60 -10.14
C GLY D 106 2.60 34.43 -10.21
N GLU D 107 2.14 33.23 -10.51
CA GLU D 107 0.71 32.93 -10.57
C GLU D 107 0.10 32.82 -9.18
N GLU D 108 0.73 32.01 -8.33
CA GLU D 108 0.30 31.86 -6.93
C GLU D 108 0.23 33.21 -6.21
N PHE D 109 1.18 34.10 -6.53
CA PHE D 109 1.22 35.45 -5.95
C PHE D 109 -0.02 36.26 -6.32
N GLY D 110 -0.44 36.15 -7.58
CA GLY D 110 -1.65 36.81 -8.05
C GLY D 110 -2.88 36.25 -7.37
N ARG D 111 -2.93 34.92 -7.26
CA ARG D 111 -4.07 34.23 -6.66
C ARG D 111 -4.19 34.47 -5.16
N ARG D 112 -3.05 34.58 -4.46
CA ARG D 112 -3.05 34.65 -3.00
C ARG D 112 -2.82 36.04 -2.41
N ILE D 113 -2.22 36.96 -3.17
CA ILE D 113 -1.99 38.34 -2.69
C ILE D 113 -2.64 39.36 -3.63
N GLY D 114 -2.11 39.45 -4.84
CA GLY D 114 -2.59 40.42 -5.83
C GLY D 114 -1.65 40.54 -7.02
N ASP D 115 -2.18 41.04 -8.13
CA ASP D 115 -1.42 41.15 -9.37
C ASP D 115 -0.66 42.47 -9.40
N PRO D 116 0.54 42.48 -10.02
CA PRO D 116 1.33 43.72 -10.06
C PRO D 116 0.84 44.73 -11.10
N GLN D 117 0.85 46.01 -10.72
CA GLN D 117 0.39 47.11 -11.59
C GLN D 117 1.48 47.58 -12.57
N LEU D 118 2.75 47.35 -12.24
CA LEU D 118 3.85 47.61 -13.17
C LEU D 118 5.03 46.69 -12.85
N VAL D 119 5.50 45.98 -13.89
CA VAL D 119 6.71 45.15 -13.78
C VAL D 119 7.87 45.86 -14.46
N ILE D 120 8.69 46.53 -13.65
CA ILE D 120 9.90 47.20 -14.13
C ILE D 120 10.92 46.12 -14.46
N CYS D 121 11.71 46.38 -15.49
CA CYS D 121 12.61 45.36 -15.99
C CYS D 121 13.90 45.97 -16.57
N MET D 122 15.04 45.62 -15.96
CA MET D 122 16.33 46.14 -16.33
C MET D 122 16.90 45.39 -17.53
N ASP D 123 16.77 46.03 -18.71
CA ASP D 123 17.31 45.50 -19.97
C ASP D 123 18.74 45.99 -20.14
N CYS D 124 19.69 45.10 -19.84
CA CYS D 124 21.10 45.47 -19.83
C CYS D 124 21.95 44.48 -20.62
N SER D 125 22.89 44.98 -21.43
CA SER D 125 23.74 44.12 -22.23
C SER D 125 24.58 43.23 -21.33
N ALA D 126 24.95 42.05 -21.84
CA ALA D 126 25.85 41.16 -21.11
C ALA D 126 27.16 41.88 -20.82
N ASP D 127 27.70 42.56 -21.84
CA ASP D 127 28.92 43.36 -21.74
C ASP D 127 28.91 44.32 -20.54
N THR D 128 27.89 45.17 -20.44
CA THR D 128 27.75 46.10 -19.29
C THR D 128 27.68 45.41 -17.92
N MET D 129 26.89 44.34 -17.84
CA MET D 129 26.73 43.59 -16.61
C MET D 129 28.04 42.90 -16.22
N THR D 130 28.64 42.23 -17.20
CA THR D 130 29.93 41.57 -17.02
C THR D 130 31.01 42.53 -16.49
N ASN D 131 31.08 43.73 -17.07
CA ASN D 131 32.10 44.68 -16.67
C ASN D 131 31.84 45.24 -15.29
N ARG D 132 30.57 45.52 -14.97
CA ARG D 132 30.20 45.97 -13.63
C ARG D 132 30.53 44.91 -12.59
N LEU D 133 30.36 43.65 -12.95
CA LEU D 133 30.66 42.55 -12.04
C LEU D 133 32.16 42.32 -11.94
N LEU D 134 32.90 42.54 -13.02
CA LEU D 134 34.36 42.52 -12.95
C LEU D 134 34.92 43.62 -12.03
N GLN D 135 34.46 44.85 -12.23
CA GLN D 135 34.86 45.98 -11.39
C GLN D 135 34.66 45.61 -9.94
N MET D 136 33.44 45.18 -9.65
CA MET D 136 32.97 44.79 -8.31
C MET D 136 33.64 43.55 -7.70
N SER D 137 34.29 42.75 -8.54
CA SER D 137 34.93 41.51 -8.09
C SER D 137 36.07 41.72 -7.10
N ARG D 138 36.25 40.76 -6.20
CA ARG D 138 37.44 40.69 -5.35
C ARG D 138 38.15 39.34 -5.57
N SER D 139 37.80 38.67 -6.67
CA SER D 139 38.44 37.43 -7.10
C SER D 139 39.96 37.55 -7.15
N SER D 140 40.64 36.55 -6.58
CA SER D 140 42.11 36.43 -6.66
C SER D 140 42.55 35.49 -7.79
N LEU D 141 41.57 34.87 -8.45
CA LEU D 141 41.82 33.90 -9.50
C LEU D 141 42.16 34.64 -10.78
N PRO D 142 42.67 33.91 -11.80
CA PRO D 142 42.82 34.59 -13.09
C PRO D 142 41.46 35.06 -13.64
N VAL D 143 41.50 36.07 -14.49
CA VAL D 143 40.28 36.67 -15.04
C VAL D 143 39.41 35.68 -15.79
N ASP D 144 40.05 34.73 -16.48
CA ASP D 144 39.34 33.69 -17.23
C ASP D 144 38.37 32.92 -16.34
N ASP D 145 38.80 32.62 -15.12
CA ASP D 145 37.99 31.87 -14.15
C ASP D 145 36.85 32.74 -13.62
N THR D 146 37.20 33.97 -13.26
CA THR D 146 36.27 35.00 -12.80
C THR D 146 35.22 35.30 -13.87
N THR D 147 35.67 35.37 -15.13
CA THR D 147 34.82 35.47 -16.29
C THR D 147 33.89 34.26 -16.50
N LYS D 148 34.42 33.04 -16.37
CA LYS D 148 33.58 31.85 -16.45
C LYS D 148 32.44 31.93 -15.44
N THR D 149 32.79 32.29 -14.21
CA THR D 149 31.81 32.36 -13.13
C THR D 149 30.80 33.47 -13.32
N ILE D 150 31.23 34.58 -13.90
CA ILE D 150 30.32 35.69 -14.18
C ILE D 150 29.34 35.26 -15.27
N ALA D 151 29.84 34.53 -16.26
CA ALA D 151 28.99 34.03 -17.34
C ALA D 151 27.91 33.09 -16.80
N LYS D 152 28.27 32.26 -15.82
CA LYS D 152 27.31 31.39 -15.13
C LYS D 152 26.28 32.19 -14.34
N ARG D 153 26.72 33.30 -13.74
CA ARG D 153 25.81 34.19 -13.05
C ARG D 153 24.79 34.79 -14.03
N LEU D 154 25.23 35.19 -15.22
CA LEU D 154 24.31 35.76 -16.18
C LEU D 154 23.32 34.72 -16.70
N GLU D 155 23.82 33.52 -17.02
CA GLU D 155 22.95 32.42 -17.46
C GLU D 155 21.86 32.12 -16.46
N ALA D 156 22.23 31.98 -15.19
CA ALA D 156 21.25 31.68 -14.14
C ALA D 156 20.15 32.74 -14.10
N TYR D 157 20.55 34.02 -14.25
CA TYR D 157 19.57 35.10 -14.37
C TYR D 157 18.66 34.95 -15.60
N TYR D 158 19.24 34.54 -16.73
CA TYR D 158 18.45 34.39 -17.98
C TYR D 158 17.39 33.29 -17.79
N ARG D 159 17.82 32.12 -17.34
CA ARG D 159 16.89 31.02 -17.07
C ARG D 159 15.79 31.42 -16.09
N ALA D 160 16.15 32.25 -15.10
CA ALA D 160 15.22 32.73 -14.08
C ALA D 160 14.35 33.91 -14.54
N SER D 161 14.78 34.60 -15.58
CA SER D 161 14.08 35.81 -16.06
C SER D 161 13.25 35.56 -17.31
N ILE D 162 13.80 34.85 -18.28
CA ILE D 162 13.24 34.81 -19.64
C ILE D 162 11.77 34.34 -19.69
N PRO D 163 11.44 33.23 -18.99
CA PRO D 163 10.04 32.77 -18.97
C PRO D 163 9.09 33.70 -18.21
N VAL D 164 9.65 34.45 -17.24
CA VAL D 164 8.88 35.38 -16.41
C VAL D 164 8.57 36.66 -17.19
N ILE D 165 9.57 37.20 -17.89
CA ILE D 165 9.39 38.39 -18.73
C ILE D 165 8.29 38.16 -19.77
N ALA D 166 8.35 37.01 -20.44
CA ALA D 166 7.37 36.64 -21.47
C ALA D 166 5.95 36.54 -20.92
N TYR D 167 5.82 36.06 -19.69
CA TYR D 167 4.53 35.96 -19.03
C TYR D 167 3.94 37.34 -18.71
N TYR D 168 4.75 38.19 -18.08
CA TYR D 168 4.26 39.50 -17.61
C TYR D 168 4.07 40.55 -18.72
N GLU D 169 4.73 40.37 -19.86
CA GLU D 169 4.43 41.16 -21.05
C GLU D 169 2.96 40.98 -21.47
N THR D 170 2.49 39.74 -21.47
CA THR D 170 1.14 39.42 -21.93
C THR D 170 0.06 39.78 -20.90
N LYS D 171 0.31 39.45 -19.64
CA LYS D 171 -0.73 39.55 -18.60
C LYS D 171 -0.81 40.92 -17.91
N THR D 172 0.09 41.84 -18.23
CA THR D 172 0.11 43.17 -17.59
C THR D 172 1.00 44.16 -18.36
N GLN D 173 1.41 45.25 -17.70
CA GLN D 173 2.32 46.23 -18.29
C GLN D 173 3.74 45.99 -17.75
N LEU D 174 4.61 45.42 -18.60
CA LEU D 174 6.02 45.21 -18.26
C LEU D 174 6.89 46.19 -19.04
N HIS D 175 7.30 47.28 -18.41
CA HIS D 175 8.11 48.31 -19.06
C HIS D 175 9.60 48.00 -18.95
N LYS D 176 10.25 47.80 -20.09
CA LYS D 176 11.70 47.57 -20.15
C LYS D 176 12.49 48.87 -19.99
N ILE D 177 13.35 48.94 -18.98
CA ILE D 177 14.26 50.07 -18.81
C ILE D 177 15.61 49.68 -19.41
N ASN D 178 16.12 50.47 -20.34
CA ASN D 178 17.48 50.29 -20.83
C ASN D 178 18.43 50.74 -19.70
N ALA D 179 19.20 49.80 -19.16
CA ALA D 179 20.10 50.07 -18.04
C ALA D 179 21.53 50.22 -18.54
N GLU D 180 21.74 51.19 -19.42
CA GLU D 180 23.04 51.39 -20.06
C GLU D 180 23.76 52.65 -19.61
N GLY D 181 23.05 53.77 -19.57
CA GLY D 181 23.68 55.07 -19.29
C GLY D 181 24.06 55.29 -17.82
N THR D 182 24.08 56.56 -17.42
CA THR D 182 24.42 56.94 -16.04
C THR D 182 23.32 56.50 -15.06
N PRO D 183 23.57 56.61 -13.73
CA PRO D 183 22.52 56.32 -12.77
C PRO D 183 21.34 57.29 -12.90
N GLU D 184 21.64 58.58 -13.05
CA GLU D 184 20.62 59.61 -13.20
C GLU D 184 19.76 59.39 -14.45
N ASP D 185 20.39 58.99 -15.56
CA ASP D 185 19.67 58.65 -16.82
C ASP D 185 18.72 57.47 -16.65
N VAL D 186 19.20 56.43 -16.01
CA VAL D 186 18.42 55.21 -15.82
C VAL D 186 17.29 55.44 -14.80
N PHE D 187 17.56 56.29 -13.80
CA PHE D 187 16.61 56.66 -12.75
C PHE D 187 15.43 57.49 -13.31
N LEU D 188 15.73 58.53 -14.10
CA LEU D 188 14.69 59.34 -14.74
C LEU D 188 13.82 58.50 -15.70
N GLN D 189 14.43 57.47 -16.28
CA GLN D 189 13.74 56.52 -17.14
C GLN D 189 12.86 55.56 -16.32
N LEU D 190 13.32 55.25 -15.11
CA LEU D 190 12.55 54.43 -14.16
C LEU D 190 11.33 55.19 -13.66
N CYS D 191 11.53 56.44 -13.26
CA CYS D 191 10.45 57.29 -12.76
C CYS D 191 9.35 57.49 -13.79
N THR D 192 9.75 57.63 -15.05
CA THR D 192 8.81 57.80 -16.17
C THR D 192 7.87 56.59 -16.29
N ALA D 193 8.40 55.39 -16.06
CA ALA D 193 7.58 54.18 -16.06
C ALA D 193 6.71 54.11 -14.79
N ILE D 194 7.29 54.53 -13.67
CA ILE D 194 6.57 54.61 -12.38
C ILE D 194 5.45 55.66 -12.42
N ASP D 195 5.79 56.87 -12.85
CA ASP D 195 4.82 57.96 -12.96
C ASP D 195 3.70 57.65 -13.97
N SER D 196 4.00 56.77 -14.94
CA SER D 196 2.98 56.24 -15.85
C SER D 196 1.81 55.62 -15.08
N ILE D 197 2.12 54.94 -13.98
CA ILE D 197 1.10 54.42 -13.06
C ILE D 197 0.80 55.48 -12.01
N LEU E 9 40.57 10.64 -5.29
CA LEU E 9 42.03 10.76 -4.91
C LEU E 9 42.39 9.91 -3.68
N ARG E 10 41.35 9.58 -2.90
CA ARG E 10 41.47 9.23 -1.49
C ARG E 10 41.39 7.72 -1.21
N LYS E 11 41.88 7.33 -0.02
CA LYS E 11 41.69 5.98 0.52
C LYS E 11 41.98 5.97 2.02
N CYS E 12 41.31 6.86 2.77
CA CYS E 12 41.35 6.90 4.25
C CYS E 12 39.92 7.09 4.81
N LYS E 13 39.79 7.27 6.12
CA LYS E 13 38.48 7.20 6.81
C LYS E 13 37.43 8.27 6.39
N ILE E 14 36.36 7.84 5.73
CA ILE E 14 35.18 8.68 5.47
C ILE E 14 33.95 8.00 6.08
N ILE E 15 33.26 8.75 6.95
CA ILE E 15 32.09 8.29 7.68
C ILE E 15 30.93 9.22 7.36
N PHE E 16 29.82 8.68 6.90
CA PHE E 16 28.59 9.45 6.76
C PHE E 16 27.74 9.23 7.98
N ILE E 17 27.13 10.30 8.49
CA ILE E 17 26.19 10.18 9.58
C ILE E 17 24.86 10.87 9.24
N ILE E 18 23.76 10.12 9.38
CA ILE E 18 22.43 10.54 8.98
C ILE E 18 21.49 10.41 10.17
N GLY E 19 20.63 11.41 10.37
CA GLY E 19 19.62 11.34 11.43
C GLY E 19 18.63 12.46 11.25
N GLY E 20 17.39 12.27 11.71
CA GLY E 20 16.35 13.28 11.57
C GLY E 20 16.51 14.38 12.58
N PRO E 21 15.72 15.46 12.42
CA PRO E 21 15.74 16.58 13.35
C PRO E 21 15.34 16.11 14.73
N GLY E 22 16.16 16.42 15.73
CA GLY E 22 15.89 15.97 17.10
C GLY E 22 16.34 14.54 17.39
N SER E 23 16.99 13.89 16.43
CA SER E 23 17.59 12.57 16.67
C SER E 23 18.76 12.61 17.67
N GLY E 24 19.36 13.79 17.86
CA GLY E 24 20.54 13.95 18.67
C GLY E 24 21.85 13.93 17.88
N LYS E 25 21.77 14.11 16.58
CA LYS E 25 22.92 13.96 15.70
C LYS E 25 23.98 15.05 15.94
N GLY E 26 23.55 16.28 16.17
CA GLY E 26 24.46 17.40 16.37
C GLY E 26 25.37 17.23 17.57
N THR E 27 24.78 16.91 18.71
CA THR E 27 25.55 16.67 19.92
C THR E 27 26.42 15.43 19.80
N GLN E 28 25.91 14.39 19.13
CA GLN E 28 26.71 13.18 18.97
C GLN E 28 27.96 13.43 18.09
N CYS E 29 27.82 14.26 17.06
CA CYS E 29 28.96 14.66 16.23
C CYS E 29 30.05 15.40 17.02
N GLU E 30 29.67 16.22 18.00
CA GLU E 30 30.63 16.93 18.84
C GLU E 30 31.41 15.95 19.69
N LYS E 31 30.69 14.99 20.27
CA LYS E 31 31.29 13.91 21.06
C LYS E 31 32.27 13.09 20.23
N LEU E 32 31.89 12.75 19.00
CA LEU E 32 32.79 11.98 18.11
C LEU E 32 34.05 12.75 17.76
N VAL E 33 33.89 14.04 17.47
CA VAL E 33 35.02 14.91 17.15
C VAL E 33 35.95 15.01 18.38
N GLU E 34 35.37 15.25 19.56
CA GLU E 34 36.14 15.29 20.81
C GLU E 34 36.93 13.99 21.01
N LYS E 35 36.29 12.84 20.79
CA LYS E 35 36.92 11.54 21.04
C LYS E 35 37.88 11.12 19.95
N TYR E 36 37.47 11.27 18.68
CA TYR E 36 38.20 10.70 17.54
C TYR E 36 39.08 11.69 16.76
N GLY E 37 38.84 12.99 16.93
CA GLY E 37 39.58 14.02 16.19
C GLY E 37 39.19 14.14 14.73
N PHE E 38 37.97 13.72 14.40
CA PHE E 38 37.49 13.77 13.02
C PHE E 38 37.22 15.19 12.53
N THR E 39 37.42 15.38 11.24
CA THR E 39 37.02 16.61 10.59
C THR E 39 35.53 16.48 10.28
N HIS E 40 34.71 17.25 10.99
CA HIS E 40 33.27 17.23 10.81
C HIS E 40 32.88 18.26 9.74
N LEU E 41 32.23 17.78 8.68
CA LEU E 41 31.78 18.63 7.58
C LEU E 41 30.29 18.49 7.36
N SER E 42 29.64 19.62 7.10
CA SER E 42 28.26 19.62 6.66
C SER E 42 28.08 20.63 5.54
N THR E 43 27.09 20.41 4.69
CA THR E 43 26.86 21.32 3.57
C THR E 43 26.56 22.75 4.02
N GLY E 44 25.81 22.87 5.12
CA GLY E 44 25.40 24.15 5.64
C GLY E 44 26.58 25.01 6.07
N GLU E 45 27.52 24.36 6.77
CA GLU E 45 28.75 25.05 7.18
C GLU E 45 29.68 25.33 6.00
N LEU E 46 29.76 24.41 5.05
CA LEU E 46 30.55 24.63 3.83
C LEU E 46 30.06 25.86 3.06
N LEU E 47 28.74 25.91 2.86
CA LEU E 47 28.07 27.04 2.23
C LEU E 47 28.27 28.33 2.99
N ARG E 48 28.02 28.32 4.31
CA ARG E 48 28.26 29.49 5.16
C ARG E 48 29.71 30.02 4.98
N GLU E 49 30.68 29.11 5.00
CA GLU E 49 32.09 29.45 4.85
C GLU E 49 32.40 30.05 3.47
N GLU E 50 31.82 29.46 2.43
CA GLU E 50 31.96 29.98 1.08
C GLU E 50 31.38 31.37 0.97
N LEU E 51 30.17 31.55 1.48
CA LEU E 51 29.48 32.84 1.38
C LEU E 51 30.23 33.96 2.10
N ALA E 52 31.04 33.61 3.09
CA ALA E 52 31.95 34.58 3.74
C ALA E 52 33.17 34.95 2.89
N SER E 53 33.50 34.15 1.88
CA SER E 53 34.79 34.23 1.20
C SER E 53 34.94 35.42 0.24
N GLU E 54 33.84 36.05 -0.15
CA GLU E 54 33.92 37.18 -1.12
C GLU E 54 34.36 36.69 -2.53
N SER E 55 34.45 35.38 -2.73
CA SER E 55 34.87 34.80 -4.00
C SER E 55 33.79 34.98 -5.05
N GLU E 56 34.17 34.82 -6.31
CA GLU E 56 33.22 34.99 -7.41
C GLU E 56 32.21 33.85 -7.47
N ARG E 57 32.63 32.65 -7.11
CA ARG E 57 31.72 31.53 -7.00
C ARG E 57 30.72 31.73 -5.85
N SER E 58 31.16 32.35 -4.75
CA SER E 58 30.25 32.68 -3.65
C SER E 58 29.13 33.64 -4.07
N LYS E 59 29.41 34.53 -5.01
CA LYS E 59 28.43 35.52 -5.46
C LYS E 59 27.35 34.81 -6.30
N LEU E 60 27.79 33.79 -7.05
CA LEU E 60 26.89 32.93 -7.81
C LEU E 60 25.96 32.18 -6.87
N ILE E 61 26.54 31.59 -5.83
CA ILE E 61 25.80 30.83 -4.84
C ILE E 61 24.82 31.75 -4.14
N ARG E 62 25.29 32.96 -3.83
CA ARG E 62 24.48 34.00 -3.21
C ARG E 62 23.33 34.47 -4.13
N ASP E 63 23.58 34.59 -5.44
CA ASP E 63 22.51 34.93 -6.41
C ASP E 63 21.38 33.92 -6.32
N ILE E 64 21.77 32.65 -6.33
CA ILE E 64 20.85 31.50 -6.37
C ILE E 64 20.05 31.39 -5.09
N MET E 65 20.74 31.48 -3.95
CA MET E 65 20.11 31.38 -2.64
C MET E 65 19.21 32.60 -2.35
N GLU E 66 19.57 33.76 -2.90
CA GLU E 66 18.77 34.99 -2.76
C GLU E 66 17.45 34.94 -3.55
N ARG E 67 17.33 33.96 -4.47
CA ARG E 67 16.06 33.63 -5.13
C ARG E 67 15.30 32.57 -4.36
N GLY E 68 15.96 31.92 -3.40
CA GLY E 68 15.38 30.76 -2.72
C GLY E 68 15.43 29.52 -3.61
N ASP E 69 16.36 29.52 -4.58
CA ASP E 69 16.48 28.43 -5.55
CA ASP E 69 16.49 28.44 -5.55
C ASP E 69 17.55 27.41 -5.13
N LEU E 70 17.67 26.35 -5.93
CA LEU E 70 18.56 25.23 -5.65
C LEU E 70 19.99 25.52 -6.06
N VAL E 71 20.91 25.34 -5.11
CA VAL E 71 22.32 25.33 -5.39
C VAL E 71 22.69 23.98 -5.98
N PRO E 72 23.28 23.96 -7.19
CA PRO E 72 23.61 22.67 -7.84
C PRO E 72 24.52 21.80 -7.00
N SER E 73 24.26 20.49 -7.00
CA SER E 73 25.05 19.58 -6.18
C SER E 73 26.55 19.53 -6.57
N GLY E 74 26.86 19.83 -7.81
CA GLY E 74 28.26 19.88 -8.25
C GLY E 74 29.08 20.95 -7.54
N ILE E 75 28.42 22.07 -7.24
CA ILE E 75 29.04 23.15 -6.49
C ILE E 75 29.24 22.69 -5.06
N VAL E 76 28.21 22.10 -4.44
CA VAL E 76 28.34 21.60 -3.07
C VAL E 76 29.45 20.55 -2.97
N LEU E 77 29.53 19.67 -3.95
CA LEU E 77 30.54 18.60 -3.94
C LEU E 77 31.95 19.16 -4.02
N GLU E 78 32.12 20.19 -4.85
CA GLU E 78 33.39 20.88 -5.00
C GLU E 78 33.84 21.53 -3.69
N LEU E 79 32.90 22.18 -3.01
CA LEU E 79 33.17 22.79 -1.70
C LEU E 79 33.63 21.73 -0.70
N LEU E 80 32.91 20.61 -0.72
CA LEU E 80 33.25 19.46 0.10
C LEU E 80 34.64 18.89 -0.22
N LYS E 81 34.91 18.66 -1.50
CA LYS E 81 36.24 18.20 -1.94
C LYS E 81 37.36 19.12 -1.46
N GLU E 82 37.18 20.44 -1.60
CA GLU E 82 38.19 21.42 -1.16
C GLU E 82 38.46 21.35 0.34
N ALA E 83 37.38 21.25 1.12
CA ALA E 83 37.50 21.13 2.57
C ALA E 83 38.29 19.88 2.93
N MET E 84 38.06 18.81 2.18
CA MET E 84 38.70 17.54 2.45
C MET E 84 40.18 17.58 2.10
N VAL E 85 40.54 18.22 1.00
CA VAL E 85 41.94 18.31 0.60
C VAL E 85 42.71 19.26 1.52
N ALA E 86 42.04 20.29 2.01
CA ALA E 86 42.65 21.23 2.95
C ALA E 86 42.90 20.61 4.34
N SER E 87 42.11 19.61 4.72
CA SER E 87 42.26 18.96 6.04
C SER E 87 43.10 17.68 6.00
N LEU E 88 43.53 17.25 4.81
CA LEU E 88 44.48 16.14 4.69
C LEU E 88 45.87 16.58 5.19
N GLY E 89 46.55 15.64 5.84
CA GLY E 89 47.86 15.91 6.43
C GLY E 89 47.77 16.24 7.90
N ASP E 90 46.55 16.44 8.40
CA ASP E 90 46.32 16.66 9.82
C ASP E 90 44.87 16.35 10.18
N THR E 91 44.38 15.18 9.78
CA THR E 91 43.14 14.66 10.36
C THR E 91 43.03 13.14 10.35
N ARG E 92 42.18 12.64 11.23
CA ARG E 92 41.98 11.21 11.45
C ARG E 92 40.93 10.64 10.48
N GLY E 93 40.13 11.52 9.91
CA GLY E 93 39.06 11.09 9.05
C GLY E 93 37.98 12.14 9.00
N PHE E 94 37.04 11.94 8.09
CA PHE E 94 35.99 12.89 7.83
C PHE E 94 34.70 12.33 8.36
N LEU E 95 34.01 13.13 9.15
CA LEU E 95 32.67 12.83 9.58
C LEU E 95 31.77 13.74 8.79
N ILE E 96 31.05 13.16 7.83
CA ILE E 96 30.25 13.95 6.92
C ILE E 96 28.78 13.79 7.25
N ASP E 97 28.18 14.91 7.61
CA ASP E 97 26.96 15.01 8.41
C ASP E 97 25.83 15.47 7.49
N GLY E 98 24.75 14.69 7.43
CA GLY E 98 23.57 15.02 6.64
C GLY E 98 23.70 14.95 5.12
N TYR E 99 24.76 14.30 4.66
CA TYR E 99 25.11 14.26 3.25
C TYR E 99 25.45 12.81 2.94
N PRO E 100 25.08 12.34 1.73
CA PRO E 100 24.34 13.01 0.66
C PRO E 100 22.83 13.05 0.92
N ARG E 101 22.10 13.88 0.19
CA ARG E 101 20.65 13.99 0.36
C ARG E 101 19.88 13.22 -0.74
N GLU E 102 20.61 12.68 -1.70
CA GLU E 102 19.99 11.82 -2.70
C GLU E 102 21.04 10.87 -3.27
N VAL E 103 20.58 9.82 -3.95
CA VAL E 103 21.47 8.77 -4.43
C VAL E 103 22.46 9.32 -5.44
N LYS E 104 22.00 10.10 -6.42
CA LYS E 104 22.91 10.61 -7.45
C LYS E 104 24.04 11.49 -6.88
N GLN E 105 23.78 12.16 -5.76
CA GLN E 105 24.84 12.89 -5.05
C GLN E 105 25.88 11.95 -4.43
N GLY E 106 25.40 10.84 -3.87
CA GLY E 106 26.27 9.83 -3.30
C GLY E 106 27.09 9.13 -4.36
N GLU E 107 26.48 8.94 -5.53
CA GLU E 107 27.17 8.34 -6.67
C GLU E 107 28.31 9.23 -7.17
N GLU E 108 28.01 10.53 -7.29
CA GLU E 108 29.00 11.55 -7.66
C GLU E 108 30.10 11.71 -6.61
N PHE E 109 29.72 11.59 -5.35
CA PHE E 109 30.69 11.60 -4.27
C PHE E 109 31.65 10.42 -4.45
N GLY E 110 31.10 9.25 -4.73
CA GLY E 110 31.92 8.05 -4.98
C GLY E 110 32.92 8.20 -6.12
N ARG E 111 32.42 8.72 -7.23
CA ARG E 111 33.20 8.94 -8.43
C ARG E 111 34.35 9.92 -8.23
N ARG E 112 34.04 11.08 -7.66
CA ARG E 112 34.97 12.20 -7.56
C ARG E 112 35.84 12.12 -6.32
N ILE E 113 35.29 11.70 -5.19
CA ILE E 113 36.03 11.74 -3.92
C ILE E 113 36.39 10.34 -3.42
N GLY E 114 35.37 9.53 -3.16
CA GLY E 114 35.60 8.19 -2.67
C GLY E 114 34.37 7.61 -2.02
N ASP E 115 34.48 6.37 -1.59
CA ASP E 115 33.35 5.66 -1.03
C ASP E 115 33.48 5.72 0.48
N PRO E 116 32.37 5.95 1.20
CA PRO E 116 32.43 5.96 2.66
C PRO E 116 32.69 4.58 3.24
N GLN E 117 33.54 4.50 4.27
CA GLN E 117 33.84 3.22 4.93
C GLN E 117 32.65 2.75 5.76
N LEU E 118 31.86 3.71 6.25
CA LEU E 118 30.81 3.46 7.20
C LEU E 118 29.76 4.54 7.04
N VAL E 119 28.51 4.12 7.16
CA VAL E 119 27.38 5.03 7.19
C VAL E 119 26.63 4.76 8.48
N ILE E 120 26.59 5.75 9.36
CA ILE E 120 25.84 5.66 10.61
C ILE E 120 24.46 6.32 10.50
N CYS E 121 23.42 5.54 10.84
CA CYS E 121 22.03 6.04 10.91
C CYS E 121 21.50 6.17 12.31
N MET E 122 21.12 7.38 12.67
CA MET E 122 20.53 7.66 13.97
C MET E 122 19.06 7.37 13.86
N ASP E 123 18.72 6.13 14.19
CA ASP E 123 17.38 5.63 14.03
C ASP E 123 16.51 6.08 15.22
N CYS E 124 15.41 6.74 14.91
CA CYS E 124 14.56 7.38 15.93
C CYS E 124 13.11 7.43 15.45
N SER E 125 12.14 7.17 16.33
CA SER E 125 10.73 7.20 15.92
C SER E 125 10.26 8.62 15.66
N ALA E 126 9.22 8.73 14.84
CA ALA E 126 8.57 10.00 14.55
C ALA E 126 8.07 10.66 15.84
N ASP E 127 7.55 9.84 16.74
CA ASP E 127 7.07 10.30 18.03
C ASP E 127 8.16 10.91 18.90
N THR E 128 9.30 10.23 18.98
CA THR E 128 10.44 10.74 19.73
C THR E 128 10.92 12.08 19.17
N MET E 129 11.13 12.14 17.86
CA MET E 129 11.65 13.36 17.25
C MET E 129 10.66 14.49 17.45
N THR E 130 9.38 14.18 17.24
CA THR E 130 8.31 15.15 17.41
C THR E 130 8.27 15.73 18.83
N ASN E 131 8.36 14.87 19.82
CA ASN E 131 8.29 15.29 21.23
C ASN E 131 9.50 16.08 21.68
N ARG E 132 10.68 15.63 21.27
CA ARG E 132 11.92 16.40 21.48
C ARG E 132 11.82 17.79 20.86
N LEU E 133 11.38 17.84 19.62
CA LEU E 133 11.30 19.10 18.91
C LEU E 133 10.29 20.04 19.54
N LEU E 134 9.13 19.49 19.94
CA LEU E 134 8.18 20.25 20.74
C LEU E 134 8.76 20.73 22.07
N GLN E 135 9.45 19.85 22.79
CA GLN E 135 10.00 20.20 24.08
C GLN E 135 11.00 21.35 24.01
N MET E 136 11.75 21.45 22.90
CA MET E 136 12.74 22.55 22.75
C MET E 136 12.14 23.76 22.05
N SER E 137 10.90 23.63 21.59
CA SER E 137 10.20 24.71 20.93
C SER E 137 10.05 25.89 21.87
N ARG E 138 10.22 27.10 21.33
CA ARG E 138 9.99 28.33 22.08
C ARG E 138 8.90 29.20 21.42
N SER E 139 8.18 28.65 20.45
CA SER E 139 7.17 29.40 19.72
C SER E 139 6.03 29.89 20.60
N SER E 140 5.44 31.00 20.17
CA SER E 140 4.22 31.55 20.77
C SER E 140 2.97 31.13 19.99
N LEU E 141 3.15 30.62 18.78
CA LEU E 141 2.02 30.38 17.89
C LEU E 141 1.20 29.20 18.37
N PRO E 142 -0.07 29.09 17.95
CA PRO E 142 -0.89 27.89 18.24
C PRO E 142 -0.19 26.55 17.98
N VAL E 143 -0.53 25.54 18.78
CA VAL E 143 0.01 24.19 18.58
C VAL E 143 -0.10 23.67 17.16
N ASP E 144 -1.29 23.78 16.57
CA ASP E 144 -1.53 23.20 15.23
C ASP E 144 -0.49 23.72 14.24
N ASP E 145 -0.18 25.01 14.36
CA ASP E 145 0.86 25.64 13.56
C ASP E 145 2.25 25.06 13.89
N THR E 146 2.51 24.84 15.17
CA THR E 146 3.79 24.28 15.61
C THR E 146 3.95 22.81 15.18
N THR E 147 2.90 22.02 15.32
CA THR E 147 2.98 20.60 15.02
C THR E 147 3.03 20.39 13.51
N LYS E 148 2.27 21.20 12.76
CA LYS E 148 2.25 21.09 11.32
C LYS E 148 3.67 21.23 10.76
N THR E 149 4.40 22.20 11.32
CA THR E 149 5.76 22.53 10.89
C THR E 149 6.77 21.44 11.22
N ILE E 150 6.65 20.88 12.42
CA ILE E 150 7.52 19.78 12.83
C ILE E 150 7.30 18.62 11.88
N ALA E 151 6.04 18.35 11.56
CA ALA E 151 5.70 17.24 10.67
C ALA E 151 6.39 17.44 9.31
N LYS E 152 6.38 18.66 8.80
CA LYS E 152 7.07 18.99 7.55
C LYS E 152 8.59 18.78 7.62
N ARG E 153 9.17 19.02 8.78
CA ARG E 153 10.61 18.73 9.01
C ARG E 153 10.90 17.23 8.98
N LEU E 154 10.02 16.43 9.60
CA LEU E 154 10.18 14.98 9.57
C LEU E 154 10.01 14.45 8.17
N GLU E 155 9.00 14.96 7.46
CA GLU E 155 8.73 14.56 6.07
C GLU E 155 9.91 14.82 5.16
N ALA E 156 10.50 16.01 5.25
CA ALA E 156 11.67 16.31 4.47
C ALA E 156 12.80 15.35 4.82
N TYR E 157 12.94 15.00 6.10
CA TYR E 157 13.97 14.05 6.49
C TYR E 157 13.76 12.68 5.88
N TYR E 158 12.52 12.18 5.90
CA TYR E 158 12.24 10.88 5.35
C TYR E 158 12.47 10.87 3.84
N ARG E 159 12.12 11.94 3.16
CA ARG E 159 12.41 12.05 1.74
C ARG E 159 13.90 11.97 1.41
N ALA E 160 14.73 12.64 2.19
CA ALA E 160 16.19 12.63 1.99
C ALA E 160 16.86 11.33 2.37
N SER E 161 16.39 10.72 3.45
CA SER E 161 17.13 9.68 4.12
C SER E 161 16.82 8.30 3.57
N ILE E 162 15.56 8.05 3.22
CA ILE E 162 15.15 6.69 2.92
C ILE E 162 15.90 6.09 1.71
N PRO E 163 15.92 6.79 0.56
CA PRO E 163 16.67 6.30 -0.61
C PRO E 163 18.16 6.12 -0.39
N VAL E 164 18.75 7.06 0.35
CA VAL E 164 20.16 7.09 0.58
C VAL E 164 20.61 5.94 1.51
N ILE E 165 19.86 5.73 2.56
CA ILE E 165 20.08 4.60 3.45
C ILE E 165 19.97 3.27 2.69
N ALA E 166 18.92 3.13 1.87
CA ALA E 166 18.74 1.94 1.04
C ALA E 166 19.92 1.74 0.09
N TYR E 167 20.45 2.83 -0.45
CA TYR E 167 21.57 2.79 -1.38
C TYR E 167 22.82 2.23 -0.72
N TYR E 168 23.14 2.76 0.44
CA TYR E 168 24.38 2.38 1.09
C TYR E 168 24.34 1.03 1.77
N GLU E 169 23.15 0.54 2.08
CA GLU E 169 23.01 -0.80 2.65
C GLU E 169 23.62 -1.82 1.72
N THR E 170 23.47 -1.58 0.44
CA THR E 170 23.99 -2.46 -0.60
C THR E 170 25.50 -2.29 -0.82
N LYS E 171 25.99 -1.06 -0.66
CA LYS E 171 27.34 -0.69 -1.08
C LYS E 171 28.41 -0.82 0.02
N THR E 172 28.08 -0.48 1.27
CA THR E 172 29.11 -0.36 2.31
C THR E 172 28.62 -0.81 3.68
N GLN E 173 29.42 -0.58 4.71
CA GLN E 173 29.04 -0.90 6.09
C GLN E 173 28.06 0.15 6.61
N LEU E 174 26.81 -0.28 6.88
CA LEU E 174 25.78 0.64 7.34
C LEU E 174 25.28 0.18 8.68
N HIS E 175 25.32 1.05 9.68
CA HIS E 175 24.94 0.68 11.05
C HIS E 175 23.83 1.59 11.54
N LYS E 176 22.67 1.00 11.84
CA LYS E 176 21.57 1.77 12.43
C LYS E 176 21.80 1.81 13.95
N ILE E 177 21.87 3.02 14.50
CA ILE E 177 21.99 3.22 15.94
C ILE E 177 20.62 3.64 16.45
N ASN E 178 20.24 3.11 17.59
CA ASN E 178 18.99 3.48 18.22
C ASN E 178 19.15 4.80 18.95
N ALA E 179 18.73 5.89 18.32
CA ALA E 179 18.87 7.24 18.91
C ALA E 179 17.76 7.58 19.91
N GLU E 180 16.95 6.60 20.29
CA GLU E 180 15.94 6.79 21.33
C GLU E 180 16.57 6.77 22.74
N GLY E 181 17.71 6.11 22.88
CA GLY E 181 18.35 5.93 24.18
C GLY E 181 18.92 7.21 24.76
N THR E 182 19.74 7.07 25.80
CA THR E 182 20.40 8.22 26.40
C THR E 182 21.54 8.64 25.50
N PRO E 183 21.95 9.91 25.58
CA PRO E 183 23.14 10.35 24.82
C PRO E 183 24.40 9.51 25.12
N GLU E 184 24.58 9.07 26.36
CA GLU E 184 25.76 8.29 26.70
C GLU E 184 25.68 6.89 26.11
N ASP E 185 24.50 6.27 26.12
CA ASP E 185 24.28 4.96 25.50
CA ASP E 185 24.33 4.96 25.51
C ASP E 185 24.33 5.06 23.99
N VAL E 186 23.80 6.16 23.46
CA VAL E 186 23.83 6.38 22.02
C VAL E 186 25.29 6.51 21.56
N PHE E 187 26.09 7.21 22.37
CA PHE E 187 27.51 7.41 22.08
C PHE E 187 28.30 6.11 22.06
N LEU E 188 28.09 5.28 23.08
CA LEU E 188 28.72 3.97 23.13
C LEU E 188 28.40 3.21 21.84
N GLN E 189 27.12 3.13 21.49
CA GLN E 189 26.69 2.46 20.25
C GLN E 189 27.42 3.02 19.02
N LEU E 190 27.49 4.35 18.93
CA LEU E 190 28.24 4.99 17.86
C LEU E 190 29.71 4.57 17.83
N CYS E 191 30.34 4.48 19.01
CA CYS E 191 31.75 4.11 19.09
C CYS E 191 31.95 2.66 18.73
N THR E 192 31.08 1.78 19.20
CA THR E 192 31.11 0.37 18.82
C THR E 192 31.14 0.19 17.29
N ALA E 193 30.32 0.95 16.57
CA ALA E 193 30.30 0.86 15.11
C ALA E 193 31.58 1.45 14.49
N ILE E 194 32.02 2.60 14.98
CA ILE E 194 33.20 3.26 14.45
C ILE E 194 34.46 2.44 14.75
N ASP E 195 34.51 1.86 15.95
CA ASP E 195 35.62 1.00 16.31
C ASP E 195 35.69 -0.25 15.43
N SER E 196 34.55 -0.71 14.92
CA SER E 196 34.50 -1.90 14.07
C SER E 196 35.22 -1.72 12.72
N ILE E 197 35.39 -0.48 12.27
CA ILE E 197 36.09 -0.21 11.00
C ILE E 197 37.55 0.25 11.20
N PHE E 198 38.09 0.02 12.40
CA PHE E 198 39.51 0.26 12.70
C PHE E 198 40.29 -1.06 12.67
N MET F 6 -26.40 -52.76 9.14
CA MET F 6 -25.08 -52.97 8.47
C MET F 6 -25.20 -53.85 7.23
N GLU F 7 -25.93 -54.95 7.34
CA GLU F 7 -26.00 -55.99 6.28
C GLU F 7 -26.53 -55.44 4.95
N ASP F 8 -27.42 -54.46 5.02
CA ASP F 8 -27.86 -53.71 3.84
C ASP F 8 -26.66 -52.95 3.25
N LEU F 9 -25.93 -52.23 4.11
CA LEU F 9 -24.74 -51.45 3.73
C LEU F 9 -23.49 -52.30 3.54
N ARG F 10 -23.64 -53.61 3.68
CA ARG F 10 -22.61 -54.57 3.30
C ARG F 10 -22.88 -55.11 1.89
N LYS F 11 -24.15 -55.09 1.48
CA LYS F 11 -24.53 -55.60 0.17
C LYS F 11 -24.62 -54.48 -0.86
N CYS F 12 -23.84 -53.43 -0.71
CA CYS F 12 -23.82 -52.38 -1.74
C CYS F 12 -22.42 -51.82 -1.96
N LYS F 13 -22.29 -51.10 -3.07
CA LYS F 13 -20.98 -50.71 -3.58
C LYS F 13 -20.34 -49.59 -2.75
N ILE F 14 -19.14 -49.86 -2.25
CA ILE F 14 -18.32 -48.88 -1.53
C ILE F 14 -17.01 -48.70 -2.30
N ILE F 15 -16.72 -47.47 -2.73
CA ILE F 15 -15.47 -47.16 -3.42
C ILE F 15 -14.71 -46.08 -2.70
N PHE F 16 -13.45 -46.36 -2.36
CA PHE F 16 -12.57 -45.35 -1.81
C PHE F 16 -11.79 -44.76 -2.96
N ILE F 17 -11.72 -43.42 -2.99
CA ILE F 17 -10.88 -42.73 -3.97
C ILE F 17 -9.90 -41.82 -3.25
N ILE F 18 -8.62 -41.97 -3.61
CA ILE F 18 -7.46 -41.42 -2.93
C ILE F 18 -6.60 -40.69 -3.99
N GLY F 19 -6.09 -39.51 -3.67
CA GLY F 19 -5.17 -38.80 -4.57
C GLY F 19 -4.63 -37.52 -3.97
N GLY F 20 -3.40 -37.17 -4.35
CA GLY F 20 -2.76 -35.96 -3.87
C GLY F 20 -3.45 -34.69 -4.33
N PRO F 21 -3.21 -33.59 -3.60
CA PRO F 21 -3.82 -32.31 -3.99
C PRO F 21 -3.27 -31.90 -5.33
N GLY F 22 -4.11 -31.42 -6.23
CA GLY F 22 -3.68 -31.18 -7.57
C GLY F 22 -3.72 -32.40 -8.47
N SER F 23 -4.14 -33.55 -7.97
CA SER F 23 -4.23 -34.75 -8.84
C SER F 23 -5.46 -34.72 -9.76
N GLY F 24 -6.42 -33.86 -9.46
CA GLY F 24 -7.66 -33.77 -10.24
C GLY F 24 -8.83 -34.58 -9.67
N LYS F 25 -8.70 -35.03 -8.43
CA LYS F 25 -9.67 -35.93 -7.79
C LYS F 25 -11.03 -35.27 -7.57
N GLY F 26 -11.05 -33.99 -7.22
CA GLY F 26 -12.28 -33.24 -7.01
C GLY F 26 -13.19 -33.24 -8.23
N THR F 27 -12.59 -32.98 -9.38
CA THR F 27 -13.32 -32.93 -10.62
C THR F 27 -13.70 -34.32 -11.06
N GLN F 28 -12.81 -35.30 -10.87
CA GLN F 28 -13.15 -36.68 -11.22
C GLN F 28 -14.36 -37.21 -10.42
N CYS F 29 -14.46 -36.82 -9.14
CA CYS F 29 -15.57 -37.24 -8.28
C CYS F 29 -16.89 -36.67 -8.73
N GLU F 30 -16.86 -35.41 -9.18
CA GLU F 30 -18.01 -34.79 -9.82
C GLU F 30 -18.50 -35.60 -11.02
N LYS F 31 -17.56 -36.04 -11.84
CA LYS F 31 -17.90 -36.73 -13.09
C LYS F 31 -18.44 -38.14 -12.81
N LEU F 32 -17.87 -38.80 -11.81
CA LEU F 32 -18.32 -40.14 -11.41
C LEU F 32 -19.74 -40.08 -10.85
N VAL F 33 -20.01 -39.00 -10.13
CA VAL F 33 -21.32 -38.78 -9.55
C VAL F 33 -22.32 -38.59 -10.69
N GLU F 34 -21.99 -37.69 -11.60
CA GLU F 34 -22.85 -37.39 -12.75
C GLU F 34 -23.14 -38.66 -13.58
N LYS F 35 -22.13 -39.49 -13.82
CA LYS F 35 -22.30 -40.71 -14.60
C LYS F 35 -23.02 -41.81 -13.82
N TYR F 36 -22.44 -42.21 -12.70
CA TYR F 36 -22.89 -43.39 -11.92
C TYR F 36 -23.97 -43.11 -10.86
N GLY F 37 -24.23 -41.85 -10.56
CA GLY F 37 -25.16 -41.50 -9.48
C GLY F 37 -24.69 -41.87 -8.07
N PHE F 38 -23.38 -41.91 -7.85
CA PHE F 38 -22.85 -42.28 -6.53
C PHE F 38 -23.11 -41.18 -5.51
N THR F 39 -23.21 -41.61 -4.25
CA THR F 39 -23.28 -40.73 -3.13
C THR F 39 -21.84 -40.42 -2.70
N HIS F 40 -21.43 -39.19 -2.96
CA HIS F 40 -20.08 -38.70 -2.69
C HIS F 40 -19.93 -38.21 -1.24
N LEU F 41 -19.10 -38.90 -0.47
CA LEU F 41 -18.86 -38.52 0.92
C LEU F 41 -17.41 -38.15 1.16
N SER F 42 -17.22 -37.13 1.99
CA SER F 42 -15.91 -36.77 2.53
C SER F 42 -16.04 -36.36 4.01
N THR F 43 -14.98 -36.57 4.78
CA THR F 43 -15.01 -36.15 6.19
C THR F 43 -15.21 -34.64 6.33
N GLY F 44 -14.68 -33.86 5.40
CA GLY F 44 -14.72 -32.42 5.52
C GLY F 44 -16.13 -31.92 5.39
N GLU F 45 -16.84 -32.49 4.44
CA GLU F 45 -18.21 -32.14 4.23
C GLU F 45 -19.13 -32.65 5.36
N LEU F 46 -18.83 -33.83 5.89
CA LEU F 46 -19.58 -34.38 7.01
C LEU F 46 -19.36 -33.55 8.26
N LEU F 47 -18.12 -33.11 8.48
CA LEU F 47 -17.86 -32.20 9.61
C LEU F 47 -18.59 -30.87 9.43
N ARG F 48 -18.56 -30.33 8.22
CA ARG F 48 -19.18 -29.04 7.93
C ARG F 48 -20.69 -29.11 8.20
N GLU F 49 -21.29 -30.21 7.78
CA GLU F 49 -22.71 -30.37 7.88
C GLU F 49 -23.09 -30.55 9.35
N GLU F 50 -22.31 -31.33 10.09
CA GLU F 50 -22.55 -31.49 11.52
C GLU F 50 -22.42 -30.16 12.28
N LEU F 51 -21.37 -29.41 11.93
CA LEU F 51 -21.11 -28.12 12.59
C LEU F 51 -22.19 -27.14 12.35
N ALA F 52 -22.94 -27.30 11.27
CA ALA F 52 -24.05 -26.44 10.99
C ALA F 52 -25.35 -26.91 11.61
N SER F 53 -25.38 -28.06 12.31
CA SER F 53 -26.66 -28.63 12.84
C SER F 53 -27.12 -28.12 14.21
N GLU F 54 -26.24 -27.43 14.94
CA GLU F 54 -26.53 -26.97 16.31
C GLU F 54 -26.76 -28.10 17.35
N SER F 55 -26.50 -29.35 16.99
CA SER F 55 -26.60 -30.46 17.93
C SER F 55 -25.59 -30.31 19.10
N GLU F 56 -25.88 -30.92 20.26
CA GLU F 56 -24.86 -30.89 21.32
C GLU F 56 -23.55 -31.54 20.85
N ARG F 57 -23.66 -32.57 20.00
CA ARG F 57 -22.49 -33.22 19.46
C ARG F 57 -21.65 -32.25 18.61
N SER F 58 -22.32 -31.42 17.84
CA SER F 58 -21.62 -30.46 17.01
C SER F 58 -20.85 -29.47 17.90
N LYS F 59 -21.37 -29.22 19.10
CA LYS F 59 -20.72 -28.29 20.04
C LYS F 59 -19.50 -28.91 20.69
N LEU F 60 -19.57 -30.21 20.91
CA LEU F 60 -18.40 -30.97 21.35
C LEU F 60 -17.30 -30.91 20.29
N ILE F 61 -17.65 -31.24 19.04
CA ILE F 61 -16.69 -31.22 17.93
C ILE F 61 -16.10 -29.81 17.77
N ARG F 62 -16.97 -28.82 17.90
CA ARG F 62 -16.56 -27.41 17.80
C ARG F 62 -15.58 -26.99 18.93
N ASP F 63 -15.87 -27.37 20.17
CA ASP F 63 -15.00 -27.12 21.33
C ASP F 63 -13.60 -27.64 21.01
N ILE F 64 -13.56 -28.86 20.48
CA ILE F 64 -12.32 -29.55 20.16
C ILE F 64 -11.56 -28.81 19.04
N MET F 65 -12.28 -28.45 17.99
CA MET F 65 -11.65 -27.86 16.81
C MET F 65 -11.25 -26.42 17.04
N GLU F 66 -11.94 -25.75 17.95
CA GLU F 66 -11.58 -24.41 18.37
C GLU F 66 -10.24 -24.36 19.10
N ARG F 67 -9.80 -25.50 19.61
CA ARG F 67 -8.48 -25.63 20.23
C ARG F 67 -7.42 -26.05 19.21
N GLY F 68 -7.82 -26.41 18.00
CA GLY F 68 -6.93 -27.07 17.07
C GLY F 68 -6.69 -28.52 17.46
N ASP F 69 -7.53 -29.09 18.33
CA ASP F 69 -7.31 -30.47 18.79
C ASP F 69 -7.91 -31.53 17.85
N LEU F 70 -7.49 -32.76 18.09
CA LEU F 70 -7.93 -33.93 17.36
C LEU F 70 -9.35 -34.32 17.75
N VAL F 71 -10.20 -34.39 16.73
CA VAL F 71 -11.55 -34.92 16.85
C VAL F 71 -11.42 -36.43 16.75
N PRO F 72 -11.85 -37.14 17.80
CA PRO F 72 -11.66 -38.58 17.81
C PRO F 72 -12.22 -39.27 16.57
N SER F 73 -11.47 -40.24 16.07
CA SER F 73 -11.79 -40.95 14.84
C SER F 73 -13.18 -41.58 14.90
N GLY F 74 -13.58 -42.04 16.09
CA GLY F 74 -14.89 -42.62 16.32
C GLY F 74 -16.04 -41.67 16.00
N ILE F 75 -15.88 -40.39 16.36
CA ILE F 75 -16.92 -39.39 16.05
C ILE F 75 -17.04 -39.24 14.53
N VAL F 76 -15.91 -39.12 13.86
CA VAL F 76 -15.90 -38.99 12.40
C VAL F 76 -16.54 -40.21 11.73
N LEU F 77 -16.23 -41.39 12.27
CA LEU F 77 -16.78 -42.59 11.74
C LEU F 77 -18.30 -42.67 11.97
N GLU F 78 -18.81 -42.19 13.10
CA GLU F 78 -20.28 -42.14 13.28
C GLU F 78 -20.94 -41.25 12.23
N LEU F 79 -20.35 -40.10 11.95
CA LEU F 79 -20.93 -39.21 10.93
C LEU F 79 -21.01 -39.87 9.56
N LEU F 80 -19.96 -40.60 9.21
CA LEU F 80 -19.91 -41.34 7.95
C LEU F 80 -20.97 -42.43 7.87
N LYS F 81 -21.12 -43.17 8.96
CA LYS F 81 -22.13 -44.19 9.06
C LYS F 81 -23.54 -43.59 8.91
N GLU F 82 -23.79 -42.47 9.59
CA GLU F 82 -25.10 -41.84 9.56
C GLU F 82 -25.43 -41.33 8.18
N ALA F 83 -24.43 -40.77 7.51
CA ALA F 83 -24.60 -40.27 6.14
C ALA F 83 -24.94 -41.42 5.19
N MET F 84 -24.26 -42.55 5.41
CA MET F 84 -24.49 -43.74 4.63
C MET F 84 -25.81 -44.43 4.95
N VAL F 85 -26.15 -44.52 6.24
CA VAL F 85 -27.46 -45.06 6.65
C VAL F 85 -28.58 -44.23 6.06
N ALA F 86 -28.43 -42.92 6.06
CA ALA F 86 -29.48 -42.02 5.60
C ALA F 86 -29.67 -42.11 4.10
N SER F 87 -28.62 -42.49 3.40
CA SER F 87 -28.63 -42.48 1.94
C SER F 87 -28.89 -43.86 1.37
N LEU F 88 -28.99 -44.86 2.25
CA LEU F 88 -29.36 -46.22 1.84
C LEU F 88 -30.79 -46.24 1.29
N GLY F 89 -31.04 -47.15 0.35
CA GLY F 89 -32.32 -47.23 -0.32
C GLY F 89 -32.22 -46.52 -1.65
N ASP F 90 -32.02 -45.21 -1.59
CA ASP F 90 -31.85 -44.38 -2.79
C ASP F 90 -30.38 -44.29 -3.32
N THR F 91 -29.47 -45.14 -2.83
CA THR F 91 -28.07 -45.03 -3.29
C THR F 91 -27.76 -45.99 -4.43
N ARG F 92 -26.86 -45.54 -5.29
CA ARG F 92 -26.28 -46.37 -6.34
C ARG F 92 -24.92 -46.87 -5.86
N GLY F 93 -24.46 -46.37 -4.72
CA GLY F 93 -23.15 -46.74 -4.20
C GLY F 93 -22.50 -45.54 -3.60
N PHE F 94 -21.46 -45.79 -2.81
CA PHE F 94 -20.76 -44.75 -2.08
C PHE F 94 -19.39 -44.53 -2.66
N LEU F 95 -19.09 -43.26 -2.92
CA LEU F 95 -17.79 -42.81 -3.37
C LEU F 95 -17.22 -42.03 -2.19
N ILE F 96 -16.34 -42.69 -1.45
CA ILE F 96 -15.75 -42.10 -0.27
C ILE F 96 -14.37 -41.55 -0.59
N ASP F 97 -14.19 -40.26 -0.30
CA ASP F 97 -13.18 -39.47 -0.92
C ASP F 97 -12.18 -39.01 0.15
N GLY F 98 -10.94 -39.49 -0.02
CA GLY F 98 -9.80 -39.06 0.79
C GLY F 98 -9.73 -39.72 2.15
N TYR F 99 -10.28 -40.92 2.22
CA TYR F 99 -10.52 -41.62 3.47
C TYR F 99 -10.36 -43.09 3.16
N PRO F 100 -9.73 -43.85 4.05
CA PRO F 100 -9.15 -43.41 5.32
C PRO F 100 -7.74 -42.88 5.10
N ARG F 101 -7.16 -42.26 6.13
CA ARG F 101 -5.83 -41.72 6.00
C ARG F 101 -4.83 -42.48 6.84
N GLU F 102 -5.29 -43.51 7.53
CA GLU F 102 -4.43 -44.39 8.28
C GLU F 102 -5.08 -45.75 8.30
N VAL F 103 -4.25 -46.78 8.46
CA VAL F 103 -4.71 -48.16 8.44
C VAL F 103 -5.73 -48.45 9.54
N LYS F 104 -5.52 -47.91 10.75
CA LYS F 104 -6.48 -48.18 11.84
C LYS F 104 -7.90 -47.63 11.57
N GLN F 105 -8.01 -46.58 10.74
CA GLN F 105 -9.30 -45.98 10.33
C GLN F 105 -10.03 -46.90 9.36
N GLY F 106 -9.28 -47.50 8.45
CA GLY F 106 -9.79 -48.50 7.54
C GLY F 106 -10.21 -49.81 8.20
N GLU F 107 -9.46 -50.22 9.20
CA GLU F 107 -9.82 -51.42 9.94
C GLU F 107 -11.14 -51.20 10.66
N GLU F 108 -11.23 -50.07 11.35
CA GLU F 108 -12.45 -49.71 12.07
C GLU F 108 -13.66 -49.51 11.13
N PHE F 109 -13.42 -48.92 9.96
CA PHE F 109 -14.46 -48.77 8.93
C PHE F 109 -14.98 -50.13 8.46
N GLY F 110 -14.07 -51.06 8.20
CA GLY F 110 -14.46 -52.42 7.79
C GLY F 110 -15.21 -53.17 8.87
N ARG F 111 -14.87 -52.88 10.11
CA ARG F 111 -15.44 -53.51 11.26
C ARG F 111 -16.87 -52.98 11.50
N ARG F 112 -17.04 -51.67 11.43
CA ARG F 112 -18.30 -51.00 11.78
C ARG F 112 -19.23 -50.68 10.60
N ILE F 113 -18.70 -50.59 9.39
CA ILE F 113 -19.52 -50.20 8.24
C ILE F 113 -19.53 -51.28 7.17
N GLY F 114 -18.40 -51.47 6.52
CA GLY F 114 -18.26 -52.44 5.44
C GLY F 114 -16.87 -52.41 4.87
N ASP F 115 -16.62 -53.27 3.89
CA ASP F 115 -15.36 -53.33 3.21
C ASP F 115 -15.53 -52.70 1.82
N PRO F 116 -14.53 -51.94 1.35
CA PRO F 116 -14.66 -51.39 -0.01
C PRO F 116 -14.41 -52.44 -1.09
N GLN F 117 -15.16 -52.34 -2.17
CA GLN F 117 -15.00 -53.26 -3.30
C GLN F 117 -13.96 -52.75 -4.27
N LEU F 118 -13.70 -51.45 -4.23
CA LEU F 118 -12.68 -50.84 -5.05
C LEU F 118 -11.98 -49.69 -4.32
N VAL F 119 -10.66 -49.66 -4.47
CA VAL F 119 -9.84 -48.53 -4.09
C VAL F 119 -9.15 -47.95 -5.32
N ILE F 120 -9.50 -46.72 -5.63
CA ILE F 120 -8.93 -45.97 -6.73
C ILE F 120 -7.86 -45.03 -6.21
N CYS F 121 -6.65 -45.16 -6.75
CA CYS F 121 -5.53 -44.31 -6.39
C CYS F 121 -5.14 -43.46 -7.57
N MET F 122 -5.25 -42.16 -7.44
CA MET F 122 -4.90 -41.25 -8.51
C MET F 122 -3.45 -40.85 -8.39
N ASP F 123 -2.64 -41.51 -9.20
CA ASP F 123 -1.23 -41.26 -9.27
C ASP F 123 -0.82 -40.06 -10.11
N CYS F 124 0.04 -39.26 -9.54
CA CYS F 124 0.50 -38.07 -10.16
C CYS F 124 1.91 -37.72 -9.63
N SER F 125 2.76 -37.16 -10.47
CA SER F 125 4.06 -36.73 -10.04
C SER F 125 3.90 -35.48 -9.18
N ALA F 126 4.88 -35.26 -8.33
CA ALA F 126 4.98 -34.09 -7.48
C ALA F 126 5.11 -32.83 -8.31
N ASP F 127 5.90 -32.88 -9.36
CA ASP F 127 6.07 -31.73 -10.26
C ASP F 127 4.75 -31.30 -10.90
N THR F 128 3.94 -32.29 -11.28
CA THR F 128 2.69 -32.00 -11.94
C THR F 128 1.68 -31.46 -10.94
N MET F 129 1.57 -32.10 -9.79
CA MET F 129 0.71 -31.58 -8.71
C MET F 129 1.09 -30.15 -8.26
N THR F 130 2.38 -29.92 -8.08
CA THR F 130 2.89 -28.58 -7.72
C THR F 130 2.54 -27.52 -8.75
N ASN F 131 2.82 -27.79 -10.02
CA ASN F 131 2.45 -26.83 -11.07
C ASN F 131 0.95 -26.55 -11.13
N ARG F 132 0.14 -27.58 -10.99
CA ARG F 132 -1.32 -27.41 -11.03
C ARG F 132 -1.79 -26.58 -9.86
N LEU F 133 -1.24 -26.87 -8.70
CA LEU F 133 -1.56 -26.11 -7.51
C LEU F 133 -1.08 -24.66 -7.65
N LEU F 134 0.06 -24.41 -8.28
CA LEU F 134 0.51 -23.03 -8.49
C LEU F 134 -0.44 -22.27 -9.41
N GLN F 135 -0.96 -22.94 -10.43
CA GLN F 135 -1.92 -22.32 -11.33
C GLN F 135 -3.21 -21.89 -10.65
N MET F 136 -3.54 -22.54 -9.54
CA MET F 136 -4.73 -22.23 -8.74
CA MET F 136 -4.74 -22.19 -8.76
C MET F 136 -4.40 -21.33 -7.56
N SER F 137 -3.14 -20.92 -7.45
CA SER F 137 -2.70 -20.19 -6.27
C SER F 137 -3.23 -18.77 -6.20
N ARG F 138 -3.55 -18.35 -5.01
CA ARG F 138 -3.87 -16.96 -4.71
C ARG F 138 -2.85 -16.45 -3.70
N SER F 139 -1.67 -17.07 -3.69
CA SER F 139 -0.59 -16.72 -2.76
C SER F 139 -0.01 -15.37 -3.09
N SER F 140 0.21 -14.60 -2.02
CA SER F 140 0.83 -13.30 -2.03
C SER F 140 2.28 -13.38 -1.56
N LEU F 141 2.80 -14.60 -1.45
CA LEU F 141 4.19 -14.83 -1.11
C LEU F 141 4.95 -15.28 -2.35
N PRO F 142 6.29 -15.11 -2.35
CA PRO F 142 7.12 -15.57 -3.47
C PRO F 142 6.92 -17.03 -3.83
N VAL F 143 7.19 -17.37 -5.09
CA VAL F 143 6.92 -18.71 -5.56
C VAL F 143 7.71 -19.76 -4.77
N ASP F 144 8.92 -19.43 -4.35
CA ASP F 144 9.71 -20.36 -3.54
C ASP F 144 9.05 -20.69 -2.18
N ASP F 145 8.61 -19.67 -1.45
CA ASP F 145 7.90 -19.88 -0.18
C ASP F 145 6.57 -20.59 -0.47
N THR F 146 5.87 -20.14 -1.51
CA THR F 146 4.61 -20.77 -1.86
C THR F 146 4.80 -22.27 -2.17
N THR F 147 5.85 -22.58 -2.90
CA THR F 147 6.14 -23.95 -3.30
C THR F 147 6.53 -24.85 -2.12
N LYS F 148 7.21 -24.30 -1.11
CA LYS F 148 7.55 -25.08 0.12
C LYS F 148 6.30 -25.46 0.90
N THR F 149 5.29 -24.63 0.84
CA THR F 149 4.05 -24.99 1.51
C THR F 149 3.27 -26.06 0.76
N ILE F 150 3.26 -25.96 -0.57
CA ILE F 150 2.71 -27.00 -1.41
C ILE F 150 3.43 -28.34 -1.15
N ALA F 151 4.76 -28.32 -1.08
CA ALA F 151 5.54 -29.50 -0.77
C ALA F 151 5.12 -30.17 0.53
N LYS F 152 4.75 -29.37 1.54
CA LYS F 152 4.23 -29.88 2.80
C LYS F 152 2.92 -30.65 2.64
N ARG F 153 2.05 -30.20 1.76
CA ARG F 153 0.82 -30.90 1.51
C ARG F 153 1.07 -32.18 0.78
N LEU F 154 2.03 -32.16 -0.14
CA LEU F 154 2.39 -33.36 -0.87
C LEU F 154 2.97 -34.40 0.09
N GLU F 155 3.89 -33.97 0.94
CA GLU F 155 4.49 -34.82 1.96
C GLU F 155 3.44 -35.46 2.85
N ALA F 156 2.45 -34.68 3.26
CA ALA F 156 1.33 -35.19 4.07
C ALA F 156 0.51 -36.23 3.32
N TYR F 157 0.26 -35.98 2.03
CA TYR F 157 -0.40 -36.96 1.19
C TYR F 157 0.40 -38.26 1.10
N TYR F 158 1.74 -38.18 0.96
CA TYR F 158 2.55 -39.41 0.83
C TYR F 158 2.48 -40.22 2.13
N ARG F 159 2.59 -39.54 3.26
CA ARG F 159 2.42 -40.16 4.55
C ARG F 159 1.07 -40.87 4.75
N ALA F 160 -0.01 -40.27 4.27
CA ALA F 160 -1.35 -40.84 4.43
C ALA F 160 -1.65 -41.94 3.44
N SER F 161 -1.13 -41.80 2.23
CA SER F 161 -1.50 -42.66 1.15
C SER F 161 -0.70 -43.96 1.12
N ILE F 162 0.62 -43.89 1.38
CA ILE F 162 1.47 -45.05 1.15
C ILE F 162 1.00 -46.26 1.98
N PRO F 163 0.80 -46.08 3.30
CA PRO F 163 0.39 -47.19 4.15
C PRO F 163 -1.03 -47.74 3.90
N VAL F 164 -1.95 -46.85 3.56
CA VAL F 164 -3.32 -47.24 3.18
C VAL F 164 -3.35 -48.03 1.85
N ILE F 165 -2.65 -47.54 0.85
CA ILE F 165 -2.59 -48.22 -0.43
C ILE F 165 -2.01 -49.63 -0.25
N ALA F 166 -0.92 -49.73 0.49
CA ALA F 166 -0.29 -51.04 0.74
C ALA F 166 -1.18 -52.00 1.49
N TYR F 167 -1.99 -51.45 2.39
CA TYR F 167 -2.94 -52.24 3.19
C TYR F 167 -4.03 -52.83 2.28
N TYR F 168 -4.72 -51.98 1.53
CA TYR F 168 -5.80 -52.44 0.65
C TYR F 168 -5.39 -53.27 -0.55
N GLU F 169 -4.12 -53.13 -0.95
CA GLU F 169 -3.53 -53.97 -1.98
C GLU F 169 -3.66 -55.45 -1.59
N THR F 170 -3.49 -55.71 -0.30
CA THR F 170 -3.57 -57.07 0.25
C THR F 170 -5.03 -57.52 0.45
N LYS F 171 -5.96 -56.56 0.52
CA LYS F 171 -7.32 -56.80 1.00
C LYS F 171 -8.41 -56.81 -0.10
N THR F 172 -8.29 -55.94 -1.10
CA THR F 172 -9.38 -55.70 -2.08
C THR F 172 -8.82 -55.36 -3.48
N GLN F 173 -9.71 -54.92 -4.37
CA GLN F 173 -9.36 -54.50 -5.71
C GLN F 173 -8.84 -53.08 -5.61
N LEU F 174 -7.59 -52.87 -6.00
CA LEU F 174 -7.00 -51.56 -6.01
C LEU F 174 -6.49 -51.23 -7.41
N HIS F 175 -6.89 -50.08 -7.94
CA HIS F 175 -6.52 -49.64 -9.30
C HIS F 175 -5.80 -48.29 -9.27
N LYS F 176 -4.60 -48.24 -9.82
CA LYS F 176 -3.81 -47.01 -9.87
C LYS F 176 -4.10 -46.31 -11.20
N ILE F 177 -4.63 -45.09 -11.14
CA ILE F 177 -4.95 -44.36 -12.34
C ILE F 177 -3.83 -43.36 -12.59
N ASN F 178 -3.46 -43.16 -13.85
CA ASN F 178 -2.47 -42.15 -14.19
C ASN F 178 -3.13 -40.79 -14.36
N ALA F 179 -2.99 -39.95 -13.33
CA ALA F 179 -3.62 -38.66 -13.31
C ALA F 179 -2.79 -37.56 -13.98
N GLU F 180 -1.75 -37.93 -14.72
CA GLU F 180 -0.97 -36.98 -15.48
C GLU F 180 -1.73 -36.62 -16.76
N GLY F 181 -2.66 -37.46 -17.17
CA GLY F 181 -3.35 -37.26 -18.43
C GLY F 181 -4.38 -36.15 -18.38
N THR F 182 -5.21 -36.10 -19.42
CA THR F 182 -6.26 -35.11 -19.50
C THR F 182 -7.39 -35.55 -18.57
N PRO F 183 -8.18 -34.60 -18.09
CA PRO F 183 -9.32 -35.00 -17.24
C PRO F 183 -10.24 -36.04 -17.91
N GLU F 184 -10.32 -35.98 -19.25
CA GLU F 184 -11.18 -36.87 -20.01
C GLU F 184 -10.53 -38.24 -20.22
N ASP F 185 -9.21 -38.27 -20.31
CA ASP F 185 -8.47 -39.54 -20.36
C ASP F 185 -8.51 -40.21 -18.98
N VAL F 186 -8.36 -39.40 -17.94
CA VAL F 186 -8.39 -39.93 -16.59
C VAL F 186 -9.77 -40.48 -16.25
N PHE F 187 -10.82 -39.76 -16.63
CA PHE F 187 -12.19 -40.23 -16.40
C PHE F 187 -12.45 -41.58 -17.07
N LEU F 188 -12.02 -41.73 -18.32
CA LEU F 188 -12.12 -43.01 -19.02
C LEU F 188 -11.39 -44.14 -18.30
N GLN F 189 -10.24 -43.84 -17.70
CA GLN F 189 -9.51 -44.82 -16.90
C GLN F 189 -10.34 -45.22 -15.67
N LEU F 190 -10.86 -44.22 -14.97
CA LEU F 190 -11.68 -44.45 -13.77
C LEU F 190 -12.93 -45.28 -14.05
N CYS F 191 -13.57 -45.02 -15.18
CA CYS F 191 -14.75 -45.79 -15.59
C CYS F 191 -14.41 -47.24 -15.93
N THR F 192 -13.26 -47.46 -16.56
CA THR F 192 -12.77 -48.82 -16.79
C THR F 192 -12.63 -49.58 -15.47
N ALA F 193 -12.01 -48.95 -14.47
CA ALA F 193 -11.83 -49.59 -13.16
C ALA F 193 -13.17 -49.90 -12.50
N ILE F 194 -14.12 -48.96 -12.58
CA ILE F 194 -15.39 -49.10 -11.89
C ILE F 194 -16.30 -50.10 -12.58
N ASP F 195 -16.35 -50.04 -13.92
CA ASP F 195 -17.10 -51.01 -14.70
C ASP F 195 -16.59 -52.44 -14.43
N SER F 196 -15.28 -52.63 -14.38
CA SER F 196 -14.70 -53.96 -14.08
C SER F 196 -15.16 -54.54 -12.74
N ILE F 197 -15.65 -53.68 -11.86
CA ILE F 197 -16.22 -54.10 -10.58
C ILE F 197 -17.73 -54.14 -10.68
N PHE F 198 -18.33 -53.04 -11.14
CA PHE F 198 -19.80 -52.93 -11.29
C PHE F 198 -20.36 -53.93 -12.30
N LEU F 199 -19.51 -54.43 -13.21
CA LEU F 199 -19.91 -55.47 -14.17
C LEU F 199 -20.18 -56.79 -13.47
#